data_9MHU
#
_entry.id   9MHU
#
_cell.length_a   1.00
_cell.length_b   1.00
_cell.length_c   1.00
_cell.angle_alpha   90.00
_cell.angle_beta   90.00
_cell.angle_gamma   90.00
#
_symmetry.space_group_name_H-M   'P 1'
#
loop_
_entity.id
_entity.type
_entity.pdbx_description
1 polymer 'Transport permease protein'
2 polymer 'Teichoic acids export ATP-binding protein TagH'
3 non-polymer Targocil-II
4 non-polymer 'MAGNESIUM ION'
5 non-polymer 'PHOSPHOTHIOPHOSPHORIC ACID-ADENYLATE ESTER'
6 water water
#
loop_
_entity_poly.entity_id
_entity_poly.type
_entity_poly.pdbx_seq_one_letter_code
_entity_poly.pdbx_strand_id
1 'polypeptide(L)'
;MGSSHHHHHHHHHHSSGLVPRGSHMSAIGTVFKEHVKNFYLIQRLAQFQVKIINHSNYLGVAWELINPVMQIMVYWMVFG
LGIRSNAPIHGVPFVYWLLVGISMWFFINQGILEGTKAITQKFNQVSKMNFPLSIIPTYIVTSRFYGHLGLLLLVIIACM
FTGIYPSIHIIQLLIYVPFCFFLTASVTLLTSTLGVLVRDTQMLMQAILRILFYFSPILWLPKNHGISGLIHEMMKYNPV
YFIAESYRAAILYHEWYFMDHWKLMLYNFGIVAIFFAIGAYLHMKYRDQFADFL
;
A,C
2 'polypeptide(L)'
;MNVSVNIKNVTKEYRIYRTNKERMKDALIPKHKNKTFFALDDISLKAYEGDVIGLVGINGSGKSTLSNIIGGSLSPTVGK
VDRNGEVSVIAISAGLSGQLTGIENIEFKMLCMGFKRKEIKAMTPKIIEFSELGEFIYQPVKKYSSGMRAKLGFSINITV
NPDILVIDEALSVGDQTFAQKCLDKIYEFKEQNKTIFFVSHNLGQVRQFCTKIAWIEGGKLKDYGELDDVLPKYEAFLND
FKKKSKAEQKEFRNKLDESRFVIK
;
B,D
#
loop_
_chem_comp.id
_chem_comp.type
_chem_comp.name
_chem_comp.formula
A1AV9 non-polymer Targocil-II 'C26 H22 Cl N O6'
AGS non-polymer 'PHOSPHOTHIOPHOSPHORIC ACID-ADENYLATE ESTER' 'C10 H16 N5 O12 P3 S'
MG non-polymer 'MAGNESIUM ION' 'Mg 2'
#
# COMPACT_ATOMS: atom_id res chain seq x y z
N MET A 25 -29.80 20.29 -7.76
CA MET A 25 -30.79 19.40 -8.34
C MET A 25 -30.18 18.57 -9.46
N SER A 26 -29.12 19.09 -10.07
CA SER A 26 -28.43 18.34 -11.12
C SER A 26 -27.48 17.30 -10.54
N ALA A 27 -26.83 17.63 -9.42
CA ALA A 27 -25.89 16.69 -8.80
C ALA A 27 -26.60 15.46 -8.27
N ILE A 28 -27.73 15.66 -7.57
CA ILE A 28 -28.51 14.53 -7.08
C ILE A 28 -28.96 13.66 -8.24
N GLY A 29 -29.46 14.28 -9.30
CA GLY A 29 -29.89 13.52 -10.45
C GLY A 29 -28.76 12.70 -11.06
N THR A 30 -27.60 13.33 -11.24
CA THR A 30 -26.48 12.64 -11.87
C THR A 30 -26.02 11.44 -11.06
N VAL A 31 -25.86 11.62 -9.74
CA VAL A 31 -25.42 10.52 -8.90
C VAL A 31 -26.46 9.39 -8.91
N PHE A 32 -27.75 9.75 -8.88
CA PHE A 32 -28.78 8.73 -8.91
C PHE A 32 -28.72 7.92 -10.20
N LYS A 33 -28.55 8.59 -11.35
CA LYS A 33 -28.46 7.85 -12.61
C LYS A 33 -27.24 6.94 -12.66
N GLU A 34 -26.09 7.41 -12.17
CA GLU A 34 -24.91 6.56 -12.15
C GLU A 34 -25.13 5.31 -11.32
N HIS A 35 -25.66 5.48 -10.11
CA HIS A 35 -25.85 4.32 -9.24
C HIS A 35 -26.91 3.37 -9.80
N VAL A 36 -27.95 3.91 -10.43
CA VAL A 36 -28.97 3.06 -11.02
C VAL A 36 -28.40 2.26 -12.18
N LYS A 37 -27.55 2.88 -13.00
CA LYS A 37 -27.06 2.20 -14.19
C LYS A 37 -25.98 1.16 -13.88
N ASN A 38 -25.15 1.39 -12.86
CA ASN A 38 -23.98 0.53 -12.62
C ASN A 38 -24.19 -0.48 -11.50
N PHE A 39 -25.38 -1.07 -11.40
CA PHE A 39 -25.70 -1.98 -10.30
C PHE A 39 -24.82 -3.23 -10.35
N TYR A 40 -24.74 -3.88 -11.51
CA TYR A 40 -23.97 -5.10 -11.64
C TYR A 40 -22.48 -4.84 -11.46
N LEU A 41 -21.99 -3.71 -11.96
CA LEU A 41 -20.60 -3.34 -11.72
C LEU A 41 -20.32 -3.17 -10.24
N ILE A 42 -21.24 -2.53 -9.51
CA ILE A 42 -21.06 -2.39 -8.06
C ILE A 42 -20.95 -3.76 -7.40
N GLN A 43 -21.89 -4.66 -7.72
CA GLN A 43 -21.87 -5.99 -7.09
C GLN A 43 -20.57 -6.72 -7.39
N ARG A 44 -20.16 -6.73 -8.66
CA ARG A 44 -19.01 -7.53 -9.06
C ARG A 44 -17.72 -6.99 -8.47
N LEU A 45 -17.57 -5.66 -8.44
CA LEU A 45 -16.38 -5.07 -7.83
C LEU A 45 -16.36 -5.32 -6.33
N ALA A 46 -17.53 -5.33 -5.69
CA ALA A 46 -17.58 -5.67 -4.27
C ALA A 46 -17.11 -7.09 -4.03
N GLN A 47 -17.55 -8.04 -4.86
CA GLN A 47 -17.09 -9.42 -4.73
C GLN A 47 -15.59 -9.53 -4.96
N PHE A 48 -15.05 -8.82 -5.95
CA PHE A 48 -13.60 -8.85 -6.17
C PHE A 48 -12.84 -8.30 -4.97
N GLN A 49 -13.35 -7.25 -4.34
CA GLN A 49 -12.70 -6.69 -3.16
C GLN A 49 -12.72 -7.69 -2.00
N VAL A 50 -13.86 -8.34 -1.78
CA VAL A 50 -13.94 -9.38 -0.74
C VAL A 50 -12.91 -10.47 -1.02
N LYS A 51 -12.76 -10.85 -2.29
CA LYS A 51 -11.75 -11.86 -2.66
C LYS A 51 -10.34 -11.36 -2.38
N ILE A 52 -10.06 -10.09 -2.68
CA ILE A 52 -8.70 -9.55 -2.54
C ILE A 52 -8.30 -9.49 -1.08
N ILE A 53 -9.19 -9.04 -0.19
CA ILE A 53 -8.80 -8.78 1.19
C ILE A 53 -8.40 -10.06 1.91
N ASN A 54 -9.05 -11.19 1.60
CA ASN A 54 -8.82 -12.45 2.28
C ASN A 54 -7.99 -13.43 1.46
N HIS A 55 -7.05 -12.94 0.64
CA HIS A 55 -6.36 -13.82 -0.29
C HIS A 55 -5.39 -14.76 0.42
N SER A 56 -4.55 -14.22 1.30
CA SER A 56 -3.45 -14.99 1.86
C SER A 56 -3.86 -15.84 3.06
N ASN A 57 -5.04 -15.62 3.62
CA ASN A 57 -5.43 -16.37 4.80
C ASN A 57 -5.69 -17.83 4.45
N TYR A 58 -5.33 -18.73 5.37
CA TYR A 58 -5.62 -20.14 5.18
C TYR A 58 -7.12 -20.42 5.25
N LEU A 59 -7.81 -19.82 6.21
CA LEU A 59 -9.24 -20.03 6.35
C LEU A 59 -10.04 -19.30 5.28
N GLY A 60 -9.55 -18.15 4.82
CA GLY A 60 -10.21 -17.42 3.76
C GLY A 60 -11.40 -16.61 4.20
N VAL A 61 -12.43 -16.53 3.34
CA VAL A 61 -13.59 -15.69 3.62
C VAL A 61 -14.33 -16.09 4.89
N ALA A 62 -13.98 -17.23 5.49
CA ALA A 62 -14.56 -17.59 6.78
C ALA A 62 -14.27 -16.52 7.82
N TRP A 63 -13.15 -15.81 7.68
CA TRP A 63 -12.81 -14.74 8.60
C TRP A 63 -13.80 -13.58 8.55
N GLU A 64 -14.65 -13.52 7.53
CA GLU A 64 -15.72 -12.52 7.50
C GLU A 64 -16.79 -12.81 8.54
N LEU A 65 -16.85 -14.03 9.06
CA LEU A 65 -17.80 -14.40 10.11
C LEU A 65 -17.16 -14.62 11.46
N ILE A 66 -15.94 -15.13 11.49
CA ILE A 66 -15.28 -15.41 12.76
C ILE A 66 -14.95 -14.12 13.50
N ASN A 67 -14.58 -13.07 12.76
CA ASN A 67 -14.13 -11.84 13.41
C ASN A 67 -15.21 -11.18 14.25
N PRO A 68 -16.44 -10.92 13.77
CA PRO A 68 -17.45 -10.35 14.67
C PRO A 68 -17.91 -11.32 15.75
N VAL A 69 -18.07 -12.61 15.42
CA VAL A 69 -18.61 -13.56 16.38
C VAL A 69 -17.74 -13.61 17.64
N MET A 70 -16.42 -13.56 17.48
CA MET A 70 -15.55 -13.54 18.65
C MET A 70 -15.74 -12.25 19.46
N GLN A 71 -15.85 -11.11 18.79
CA GLN A 71 -15.95 -9.85 19.51
C GLN A 71 -17.19 -9.83 20.40
N ILE A 72 -18.33 -10.30 19.87
CA ILE A 72 -19.54 -10.38 20.67
C ILE A 72 -19.29 -11.15 21.95
N MET A 73 -18.54 -12.25 21.86
CA MET A 73 -18.23 -13.05 23.04
C MET A 73 -17.63 -12.16 24.14
N VAL A 74 -16.64 -11.35 23.76
CA VAL A 74 -16.03 -10.46 24.74
C VAL A 74 -17.08 -9.51 25.31
N TYR A 75 -17.89 -8.92 24.42
CA TYR A 75 -18.92 -7.99 24.88
C TYR A 75 -19.98 -8.67 25.73
N TRP A 76 -20.05 -10.00 25.68
CA TRP A 76 -20.95 -10.71 26.58
C TRP A 76 -20.29 -11.06 27.90
N MET A 77 -18.98 -11.29 27.91
CA MET A 77 -18.31 -11.64 29.14
C MET A 77 -18.16 -10.44 30.05
N VAL A 78 -17.97 -9.25 29.49
CA VAL A 78 -17.76 -8.02 30.25
C VAL A 78 -19.10 -7.45 30.69
N PHE A 79 -19.94 -7.07 29.73
CA PHE A 79 -21.17 -6.35 30.02
C PHE A 79 -22.32 -7.28 30.43
N GLY A 80 -22.24 -8.57 30.13
CA GLY A 80 -23.34 -9.47 30.44
C GLY A 80 -23.10 -10.33 31.66
N LEU A 81 -21.89 -10.85 31.80
CA LEU A 81 -21.52 -11.66 32.95
C LEU A 81 -20.98 -10.81 34.09
N GLY A 82 -20.04 -9.90 33.81
CA GLY A 82 -19.46 -9.06 34.83
C GLY A 82 -20.40 -7.99 35.34
N ILE A 83 -20.69 -7.01 34.52
CA ILE A 83 -21.78 -6.08 34.80
C ILE A 83 -23.10 -6.79 34.48
N ARG A 84 -24.16 -6.37 35.15
CA ARG A 84 -25.53 -6.88 35.06
C ARG A 84 -25.72 -8.21 35.77
N SER A 85 -24.65 -8.92 36.15
CA SER A 85 -24.73 -10.23 36.78
C SER A 85 -25.70 -11.17 36.06
N ASN A 86 -25.83 -11.01 34.75
CA ASN A 86 -26.67 -11.83 33.88
C ASN A 86 -28.15 -11.77 34.29
N ALA A 87 -28.70 -10.65 34.13
CA ALA A 87 -30.09 -10.42 34.45
C ALA A 87 -30.88 -10.19 33.15
N PRO A 88 -32.20 -10.47 33.10
CA PRO A 88 -32.98 -10.36 31.83
C PRO A 88 -33.48 -8.96 31.57
N ILE A 89 -33.70 -8.64 30.29
CA ILE A 89 -34.24 -7.35 29.86
C ILE A 89 -35.53 -7.65 29.12
N HIS A 90 -36.64 -7.09 29.60
CA HIS A 90 -37.95 -7.22 28.98
C HIS A 90 -38.41 -8.66 28.88
N GLY A 91 -37.98 -9.51 29.80
CA GLY A 91 -38.32 -10.92 29.76
C GLY A 91 -37.49 -11.76 28.81
N VAL A 92 -36.50 -11.16 28.15
CA VAL A 92 -35.67 -11.88 27.20
C VAL A 92 -34.29 -12.05 27.85
N PRO A 93 -33.60 -13.16 27.63
CA PRO A 93 -32.22 -13.28 28.11
C PRO A 93 -31.34 -12.22 27.47
N PHE A 94 -30.34 -11.76 28.24
CA PHE A 94 -29.47 -10.70 27.74
C PHE A 94 -28.66 -11.14 26.54
N VAL A 95 -28.36 -12.43 26.42
CA VAL A 95 -27.51 -12.90 25.33
C VAL A 95 -28.17 -12.67 23.98
N TYR A 96 -29.46 -12.99 23.86
CA TYR A 96 -30.16 -12.81 22.60
C TYR A 96 -30.51 -11.34 22.34
N TRP A 97 -30.84 -10.58 23.38
CA TRP A 97 -30.98 -9.13 23.26
C TRP A 97 -29.74 -8.51 22.65
N LEU A 98 -28.58 -8.79 23.24
CA LEU A 98 -27.33 -8.25 22.73
C LEU A 98 -27.01 -8.77 21.33
N LEU A 99 -27.28 -10.06 21.08
CA LEU A 99 -26.98 -10.64 19.79
C LEU A 99 -27.76 -9.93 18.68
N VAL A 100 -29.05 -9.67 18.91
CA VAL A 100 -29.86 -9.00 17.91
C VAL A 100 -29.46 -7.54 17.76
N GLY A 101 -29.10 -6.87 18.86
CA GLY A 101 -28.71 -5.47 18.78
C GLY A 101 -27.35 -5.22 18.18
N ILE A 102 -26.44 -6.20 18.24
CA ILE A 102 -25.05 -6.00 17.82
C ILE A 102 -24.79 -6.35 16.36
N SER A 103 -25.78 -6.89 15.64
CA SER A 103 -25.52 -7.51 14.35
C SER A 103 -25.09 -6.50 13.30
N MET A 104 -25.63 -5.28 13.33
CA MET A 104 -25.37 -4.27 12.32
C MET A 104 -24.18 -3.38 12.65
N TRP A 105 -23.67 -3.43 13.89
CA TRP A 105 -22.64 -2.48 14.29
C TRP A 105 -21.35 -2.67 13.53
N PHE A 106 -20.90 -3.92 13.38
CA PHE A 106 -19.64 -4.15 12.68
C PHE A 106 -19.72 -3.70 11.24
N PHE A 107 -20.84 -3.97 10.57
CA PHE A 107 -21.03 -3.52 9.20
C PHE A 107 -20.98 -1.99 9.13
N ILE A 108 -21.71 -1.31 10.02
CA ILE A 108 -21.74 0.16 9.99
C ILE A 108 -20.35 0.73 10.20
N ASN A 109 -19.67 0.26 11.26
CA ASN A 109 -18.34 0.77 11.61
C ASN A 109 -17.35 0.56 10.46
N GLN A 110 -17.24 -0.68 9.97
CA GLN A 110 -16.27 -0.97 8.94
C GLN A 110 -16.60 -0.25 7.63
N GLY A 111 -17.88 -0.23 7.25
CA GLY A 111 -18.25 0.43 6.02
C GLY A 111 -17.90 1.91 6.03
N ILE A 112 -18.26 2.61 7.11
CA ILE A 112 -17.94 4.04 7.19
C ILE A 112 -16.43 4.26 7.19
N LEU A 113 -15.71 3.49 8.00
CA LEU A 113 -14.27 3.71 8.16
C LEU A 113 -13.53 3.49 6.85
N GLU A 114 -13.93 2.48 6.07
CA GLU A 114 -13.21 2.17 4.83
C GLU A 114 -13.70 3.02 3.67
N GLY A 115 -15.00 3.34 3.64
CA GLY A 115 -15.50 4.20 2.59
C GLY A 115 -14.97 5.62 2.70
N THR A 116 -14.53 6.01 3.91
CA THR A 116 -13.89 7.30 4.06
C THR A 116 -12.57 7.38 3.26
N LYS A 117 -11.83 6.28 3.21
CA LYS A 117 -10.55 6.24 2.50
C LYS A 117 -10.65 5.65 1.11
N ALA A 118 -11.84 5.18 0.70
CA ALA A 118 -11.98 4.49 -0.59
C ALA A 118 -11.44 5.29 -1.76
N ILE A 119 -11.88 6.55 -1.92
CA ILE A 119 -11.48 7.32 -3.10
C ILE A 119 -9.99 7.59 -3.07
N THR A 120 -9.46 7.95 -1.90
CA THR A 120 -8.03 8.23 -1.77
C THR A 120 -7.20 7.02 -2.19
N GLN A 121 -7.61 5.82 -1.77
CA GLN A 121 -6.82 4.64 -2.09
C GLN A 121 -7.03 4.17 -3.53
N LYS A 122 -8.20 4.39 -4.10
CA LYS A 122 -8.54 3.75 -5.38
C LYS A 122 -8.62 4.71 -6.56
N PHE A 123 -8.28 5.99 -6.40
CA PHE A 123 -8.41 6.91 -7.51
C PHE A 123 -7.41 6.61 -8.63
N ASN A 124 -6.17 6.30 -8.27
CA ASN A 124 -5.12 6.20 -9.29
C ASN A 124 -5.38 5.06 -10.26
N GLN A 125 -5.84 3.92 -9.76
CA GLN A 125 -6.01 2.75 -10.63
C GLN A 125 -7.06 2.99 -11.71
N VAL A 126 -8.16 3.65 -11.36
CA VAL A 126 -9.25 3.86 -12.32
C VAL A 126 -9.28 5.27 -12.92
N SER A 127 -8.32 6.13 -12.58
CA SER A 127 -8.32 7.48 -13.12
C SER A 127 -8.06 7.49 -14.61
N LYS A 128 -7.10 6.67 -15.07
CA LYS A 128 -6.74 6.66 -16.49
C LYS A 128 -7.92 6.21 -17.35
N MET A 129 -8.63 5.20 -16.91
CA MET A 129 -9.84 4.74 -17.58
C MET A 129 -11.01 5.66 -17.24
N ASN A 130 -12.08 5.55 -18.02
CA ASN A 130 -13.30 6.30 -17.77
C ASN A 130 -14.28 5.40 -17.03
N PHE A 131 -14.67 5.79 -15.83
CA PHE A 131 -15.39 4.93 -14.90
C PHE A 131 -16.00 5.81 -13.84
N PRO A 132 -17.31 5.68 -13.57
CA PRO A 132 -17.98 6.61 -12.66
C PRO A 132 -17.39 6.56 -11.25
N LEU A 133 -17.04 7.72 -10.73
CA LEU A 133 -16.36 7.84 -9.44
C LEU A 133 -17.30 7.91 -8.26
N SER A 134 -18.62 7.94 -8.48
CA SER A 134 -19.56 7.99 -7.37
C SER A 134 -19.70 6.63 -6.71
N ILE A 135 -19.40 5.57 -7.45
CA ILE A 135 -19.67 4.22 -6.94
C ILE A 135 -18.48 3.65 -6.19
N ILE A 136 -17.37 4.41 -6.08
CA ILE A 136 -16.20 3.89 -5.37
C ILE A 136 -16.54 3.64 -3.92
N PRO A 137 -17.17 4.56 -3.15
CA PRO A 137 -17.56 4.23 -1.75
C PRO A 137 -18.64 3.15 -1.70
N THR A 138 -19.56 3.11 -2.68
CA THR A 138 -20.69 2.21 -2.56
C THR A 138 -20.27 0.77 -2.74
N TYR A 139 -19.33 0.49 -3.65
CA TYR A 139 -18.94 -0.92 -3.83
C TYR A 139 -18.09 -1.42 -2.66
N ILE A 140 -17.34 -0.52 -2.02
CA ILE A 140 -16.63 -0.92 -0.80
C ILE A 140 -17.60 -1.18 0.35
N VAL A 141 -18.68 -0.39 0.44
CA VAL A 141 -19.71 -0.67 1.44
C VAL A 141 -20.42 -1.99 1.12
N THR A 142 -20.64 -2.26 -0.16
CA THR A 142 -21.27 -3.52 -0.55
C THR A 142 -20.38 -4.71 -0.18
N SER A 143 -19.06 -4.52 -0.20
CA SER A 143 -18.17 -5.59 0.20
C SER A 143 -18.37 -5.96 1.67
N ARG A 144 -18.88 -5.03 2.47
CA ARG A 144 -19.10 -5.30 3.89
C ARG A 144 -20.53 -5.73 4.18
N PHE A 145 -21.46 -5.43 3.26
CA PHE A 145 -22.86 -5.80 3.48
C PHE A 145 -23.05 -7.32 3.51
N TYR A 146 -22.23 -8.07 2.76
CA TYR A 146 -22.41 -9.52 2.68
C TYR A 146 -22.20 -10.20 4.03
N GLY A 147 -21.16 -9.78 4.76
CA GLY A 147 -20.93 -10.33 6.08
C GLY A 147 -22.05 -10.01 7.04
N HIS A 148 -22.63 -8.82 6.93
CA HIS A 148 -23.79 -8.49 7.76
C HIS A 148 -24.95 -9.42 7.46
N LEU A 149 -25.21 -9.69 6.18
CA LEU A 149 -26.30 -10.61 5.83
C LEU A 149 -26.05 -12.00 6.40
N GLY A 150 -24.82 -12.49 6.28
CA GLY A 150 -24.50 -13.80 6.84
C GLY A 150 -24.67 -13.85 8.35
N LEU A 151 -24.18 -12.84 9.05
CA LEU A 151 -24.31 -12.79 10.50
C LEU A 151 -25.77 -12.68 10.93
N LEU A 152 -26.58 -11.90 10.20
CA LEU A 152 -27.98 -11.77 10.55
C LEU A 152 -28.73 -13.08 10.35
N LEU A 153 -28.44 -13.80 9.27
CA LEU A 153 -29.04 -15.12 9.10
C LEU A 153 -28.64 -16.07 10.23
N LEU A 154 -27.36 -16.03 10.62
CA LEU A 154 -26.91 -16.88 11.72
C LEU A 154 -27.61 -16.52 13.01
N VAL A 155 -27.82 -15.23 13.25
CA VAL A 155 -28.49 -14.77 14.47
C VAL A 155 -29.93 -15.27 14.50
N ILE A 156 -30.63 -15.15 13.38
CA ILE A 156 -32.02 -15.60 13.32
C ILE A 156 -32.10 -17.11 13.53
N ILE A 157 -31.13 -17.85 12.99
CA ILE A 157 -31.12 -19.31 13.18
C ILE A 157 -30.89 -19.63 14.66
N ALA A 158 -29.91 -18.97 15.28
CA ALA A 158 -29.55 -19.29 16.65
C ALA A 158 -30.60 -18.85 17.66
N CYS A 159 -31.44 -17.88 17.30
CA CYS A 159 -32.49 -17.44 18.23
C CYS A 159 -33.54 -18.53 18.46
N MET A 160 -33.56 -19.58 17.65
CA MET A 160 -34.60 -20.60 17.74
C MET A 160 -34.41 -21.53 18.94
N PHE A 161 -33.19 -21.65 19.46
CA PHE A 161 -32.93 -22.62 20.53
C PHE A 161 -33.59 -22.22 21.84
N THR A 162 -33.93 -20.95 22.02
CA THR A 162 -34.63 -20.53 23.24
C THR A 162 -36.10 -20.92 23.19
N GLY A 163 -36.71 -20.87 22.02
CA GLY A 163 -38.13 -21.07 21.89
C GLY A 163 -38.76 -19.93 21.11
N ILE A 164 -37.92 -19.04 20.61
CA ILE A 164 -38.37 -17.91 19.81
C ILE A 164 -38.34 -18.33 18.34
N TYR A 165 -39.52 -18.39 17.72
CA TYR A 165 -39.66 -18.84 16.35
C TYR A 165 -40.12 -17.70 15.45
N PRO A 166 -39.79 -17.72 14.17
CA PRO A 166 -40.14 -16.61 13.28
C PRO A 166 -41.64 -16.41 13.19
N SER A 167 -42.05 -15.16 13.04
CA SER A 167 -43.47 -14.81 12.95
C SER A 167 -43.74 -13.98 11.71
N ILE A 168 -44.95 -13.47 11.58
CA ILE A 168 -45.30 -12.63 10.44
C ILE A 168 -44.55 -11.30 10.51
N HIS A 169 -44.37 -10.76 11.71
CA HIS A 169 -43.78 -9.44 11.87
C HIS A 169 -42.37 -9.36 11.30
N ILE A 170 -41.70 -10.49 11.11
CA ILE A 170 -40.35 -10.49 10.55
C ILE A 170 -40.33 -9.90 9.15
N ILE A 171 -41.47 -9.84 8.46
CA ILE A 171 -41.47 -9.21 7.14
C ILE A 171 -41.06 -7.75 7.21
N GLN A 172 -41.17 -7.13 8.40
CA GLN A 172 -40.71 -5.76 8.56
C GLN A 172 -39.24 -5.61 8.21
N LEU A 173 -38.45 -6.69 8.32
CA LEU A 173 -37.03 -6.60 7.97
C LEU A 173 -36.85 -6.11 6.54
N LEU A 174 -37.81 -6.39 5.65
CA LEU A 174 -37.69 -5.95 4.27
C LEU A 174 -37.56 -4.44 4.15
N ILE A 175 -37.99 -3.70 5.17
CA ILE A 175 -37.88 -2.25 5.17
C ILE A 175 -36.66 -1.83 6.00
N TYR A 176 -36.34 -2.61 7.03
CA TYR A 176 -35.34 -2.19 8.00
C TYR A 176 -33.93 -2.56 7.59
N VAL A 177 -33.73 -3.76 7.03
CA VAL A 177 -32.39 -4.16 6.59
C VAL A 177 -31.87 -3.25 5.48
N PRO A 178 -32.64 -2.95 4.41
CA PRO A 178 -32.12 -2.02 3.41
C PRO A 178 -31.78 -0.63 3.96
N PHE A 179 -32.65 -0.08 4.83
CA PHE A 179 -32.45 1.28 5.31
C PHE A 179 -31.06 1.46 5.90
N CYS A 180 -30.64 0.54 6.77
CA CYS A 180 -29.32 0.61 7.37
C CYS A 180 -28.26 0.79 6.29
N PHE A 181 -28.29 -0.08 5.27
CA PHE A 181 -27.34 0.03 4.18
C PHE A 181 -27.35 1.43 3.60
N PHE A 182 -28.54 1.91 3.23
CA PHE A 182 -28.66 3.24 2.65
C PHE A 182 -28.00 4.26 3.53
N LEU A 183 -28.29 4.23 4.83
CA LEU A 183 -27.71 5.21 5.73
C LEU A 183 -26.20 5.22 5.61
N THR A 184 -25.58 4.04 5.76
CA THR A 184 -24.13 3.97 5.69
C THR A 184 -23.64 4.56 4.38
N ALA A 185 -24.25 4.14 3.27
CA ALA A 185 -23.79 4.59 1.96
C ALA A 185 -23.78 6.11 1.90
N SER A 186 -24.88 6.73 2.35
CA SER A 186 -24.97 8.18 2.28
C SER A 186 -23.80 8.82 3.00
N VAL A 187 -23.51 8.36 4.22
CA VAL A 187 -22.44 8.99 4.99
C VAL A 187 -21.13 8.91 4.22
N THR A 188 -20.83 7.74 3.65
CA THR A 188 -19.56 7.60 2.95
C THR A 188 -19.50 8.56 1.78
N LEU A 189 -20.61 8.69 1.05
CA LEU A 189 -20.63 9.58 -0.11
C LEU A 189 -20.21 10.99 0.26
N LEU A 190 -20.47 11.40 1.50
CA LEU A 190 -19.97 12.68 1.96
C LEU A 190 -18.53 12.55 2.41
N THR A 191 -18.26 11.64 3.36
CA THR A 191 -16.98 11.65 4.04
C THR A 191 -15.83 11.39 3.09
N SER A 192 -16.01 10.46 2.15
CA SER A 192 -14.97 10.19 1.16
C SER A 192 -14.51 11.48 0.50
N THR A 193 -15.46 12.29 0.04
CA THR A 193 -15.09 13.56 -0.58
C THR A 193 -14.27 14.40 0.38
N LEU A 194 -14.76 14.58 1.61
CA LEU A 194 -14.03 15.37 2.60
C LEU A 194 -12.66 14.74 2.85
N GLY A 195 -12.57 13.41 2.81
CA GLY A 195 -11.30 12.77 3.05
C GLY A 195 -10.25 13.16 2.04
N VAL A 196 -10.66 13.45 0.81
CA VAL A 196 -9.70 13.94 -0.17
C VAL A 196 -9.29 15.37 0.17
N LEU A 197 -10.26 16.20 0.55
CA LEU A 197 -9.97 17.61 0.77
C LEU A 197 -9.10 17.81 2.00
N VAL A 198 -9.47 17.20 3.12
CA VAL A 198 -8.74 17.27 4.38
C VAL A 198 -8.52 15.85 4.87
N ARG A 199 -7.26 15.49 5.13
CA ARG A 199 -6.97 14.13 5.60
C ARG A 199 -7.38 13.95 7.06
N ASP A 200 -7.20 15.00 7.87
CA ASP A 200 -7.43 14.88 9.31
C ASP A 200 -8.81 14.36 9.63
N THR A 201 -9.80 14.70 8.80
CA THR A 201 -11.17 14.27 9.04
C THR A 201 -11.26 12.77 9.20
N GLN A 202 -10.50 12.02 8.37
CA GLN A 202 -10.50 10.57 8.50
C GLN A 202 -10.22 10.16 9.93
N MET A 203 -9.15 10.69 10.52
CA MET A 203 -8.84 10.39 11.91
C MET A 203 -10.01 10.73 12.82
N LEU A 204 -10.56 11.93 12.65
CA LEU A 204 -11.68 12.36 13.47
C LEU A 204 -12.80 11.33 13.43
N MET A 205 -13.06 10.76 12.24
CA MET A 205 -14.18 9.84 12.09
C MET A 205 -14.14 8.76 13.16
N GLN A 206 -12.96 8.18 13.39
CA GLN A 206 -12.85 7.08 14.33
C GLN A 206 -13.47 7.46 15.67
N ALA A 207 -13.06 8.62 16.21
CA ALA A 207 -13.54 9.03 17.51
C ALA A 207 -15.06 9.09 17.54
N ILE A 208 -15.66 9.71 16.52
CA ILE A 208 -17.11 9.87 16.52
C ILE A 208 -17.77 8.51 16.60
N LEU A 209 -17.26 7.54 15.83
CA LEU A 209 -17.89 6.22 15.82
C LEU A 209 -17.91 5.63 17.22
N ARG A 210 -16.81 5.80 17.97
CA ARG A 210 -16.76 5.23 19.31
C ARG A 210 -17.88 5.79 20.18
N ILE A 211 -18.13 7.10 20.09
CA ILE A 211 -19.21 7.69 20.88
C ILE A 211 -20.53 7.03 20.51
N LEU A 212 -20.77 6.86 19.21
CA LEU A 212 -22.05 6.29 18.77
C LEU A 212 -22.21 4.84 19.21
N PHE A 213 -21.12 4.18 19.62
CA PHE A 213 -21.27 2.84 20.17
C PHE A 213 -21.82 2.87 21.58
N TYR A 214 -21.39 3.84 22.39
CA TYR A 214 -21.66 3.79 23.82
C TYR A 214 -22.90 4.55 24.22
N PHE A 215 -23.30 5.56 23.46
CA PHE A 215 -24.57 6.24 23.70
C PHE A 215 -25.63 5.69 22.75
N SER A 216 -25.90 4.40 22.94
CA SER A 216 -26.82 3.64 22.10
C SER A 216 -27.41 2.53 22.95
N PRO A 217 -28.59 2.03 22.58
CA PRO A 217 -29.19 0.89 23.30
C PRO A 217 -28.58 -0.46 22.98
N ILE A 218 -27.39 -0.52 22.41
CA ILE A 218 -26.79 -1.81 22.06
C ILE A 218 -26.44 -2.59 23.32
N LEU A 219 -25.61 -2.00 24.20
CA LEU A 219 -25.12 -2.69 25.38
C LEU A 219 -25.95 -2.43 26.63
N TRP A 220 -26.63 -1.30 26.71
CA TRP A 220 -27.37 -0.92 27.90
C TRP A 220 -28.69 -0.29 27.51
N LEU A 221 -29.62 -0.26 28.46
CA LEU A 221 -30.91 0.40 28.29
C LEU A 221 -31.02 1.54 29.29
N PRO A 222 -31.21 2.78 28.83
CA PRO A 222 -31.24 3.91 29.77
C PRO A 222 -32.36 3.78 30.80
N LYS A 223 -32.06 4.18 32.03
CA LYS A 223 -32.94 3.95 33.17
C LYS A 223 -34.11 4.92 33.22
N ASN A 224 -34.03 6.06 32.54
CA ASN A 224 -35.09 7.07 32.53
C ASN A 224 -35.31 7.64 33.93
N HIS A 225 -36.28 8.56 34.05
CA HIS A 225 -36.65 9.21 35.30
C HIS A 225 -35.42 9.68 36.09
N GLY A 226 -34.71 10.63 35.48
CA GLY A 226 -33.55 11.22 36.13
C GLY A 226 -32.61 11.81 35.09
N ILE A 227 -31.33 11.89 35.46
CA ILE A 227 -30.31 12.29 34.50
C ILE A 227 -30.23 11.27 33.38
N SER A 228 -30.43 9.99 33.71
CA SER A 228 -30.54 8.96 32.68
C SER A 228 -31.74 9.23 31.77
N GLY A 229 -32.76 9.93 32.26
CA GLY A 229 -33.83 10.35 31.38
C GLY A 229 -33.37 11.34 30.32
N LEU A 230 -32.53 12.30 30.72
CA LEU A 230 -31.94 13.22 29.75
C LEU A 230 -31.03 12.46 28.79
N ILE A 231 -30.29 11.47 29.29
CA ILE A 231 -29.45 10.68 28.41
C ILE A 231 -30.31 9.91 27.40
N HIS A 232 -31.47 9.42 27.84
CA HIS A 232 -32.39 8.74 26.92
C HIS A 232 -32.90 9.68 25.84
N GLU A 233 -33.33 10.87 26.26
CA GLU A 233 -33.85 11.85 25.30
C GLU A 233 -32.77 12.29 24.32
N MET A 234 -31.51 12.30 24.76
CA MET A 234 -30.41 12.63 23.84
C MET A 234 -30.07 11.47 22.93
N MET A 235 -30.16 10.23 23.43
CA MET A 235 -29.89 9.06 22.58
C MET A 235 -30.97 8.85 21.54
N LYS A 236 -32.18 9.35 21.75
CA LYS A 236 -33.21 9.17 20.74
C LYS A 236 -32.86 9.84 19.41
N TYR A 237 -31.91 10.78 19.41
CA TYR A 237 -31.45 11.41 18.18
C TYR A 237 -30.40 10.61 17.43
N ASN A 238 -29.95 9.50 17.99
CA ASN A 238 -28.98 8.63 17.33
C ASN A 238 -29.73 7.73 16.36
N PRO A 239 -29.34 7.66 15.07
CA PRO A 239 -29.96 6.67 14.18
C PRO A 239 -29.70 5.23 14.56
N VAL A 240 -28.57 4.94 15.23
CA VAL A 240 -28.31 3.58 15.70
C VAL A 240 -29.37 3.13 16.68
N TYR A 241 -29.89 4.05 17.49
CA TYR A 241 -31.00 3.73 18.39
C TYR A 241 -32.18 3.16 17.61
N PHE A 242 -32.59 3.86 16.55
CA PHE A 242 -33.73 3.43 15.76
C PHE A 242 -33.45 2.09 15.09
N ILE A 243 -32.26 1.92 14.52
CA ILE A 243 -31.97 0.67 13.80
C ILE A 243 -31.99 -0.51 14.76
N ALA A 244 -31.32 -0.38 15.91
CA ALA A 244 -31.27 -1.49 16.87
C ALA A 244 -32.65 -1.82 17.39
N GLU A 245 -33.42 -0.80 17.79
CA GLU A 245 -34.74 -1.04 18.35
C GLU A 245 -35.68 -1.65 17.33
N SER A 246 -35.62 -1.20 16.07
CA SER A 246 -36.47 -1.76 15.03
C SER A 246 -36.14 -3.21 14.74
N TYR A 247 -34.85 -3.56 14.69
CA TYR A 247 -34.47 -4.96 14.54
C TYR A 247 -35.02 -5.80 15.68
N ARG A 248 -34.89 -5.32 16.91
CA ARG A 248 -35.40 -6.08 18.06
C ARG A 248 -36.91 -6.25 17.99
N ALA A 249 -37.63 -5.20 17.56
CA ALA A 249 -39.08 -5.30 17.44
C ALA A 249 -39.48 -6.29 16.36
N ALA A 250 -38.71 -6.36 15.27
CA ALA A 250 -39.04 -7.30 14.20
C ALA A 250 -38.75 -8.75 14.61
N ILE A 251 -37.61 -9.00 15.24
CA ILE A 251 -37.21 -10.38 15.53
C ILE A 251 -37.67 -10.84 16.90
N LEU A 252 -37.55 -10.01 17.93
CA LEU A 252 -37.74 -10.44 19.31
C LEU A 252 -39.10 -10.09 19.90
N TYR A 253 -39.49 -8.81 19.85
CA TYR A 253 -40.63 -8.35 20.62
C TYR A 253 -41.98 -8.67 19.99
N HIS A 254 -42.01 -9.11 18.73
CA HIS A 254 -43.25 -9.43 18.02
C HIS A 254 -44.22 -8.25 18.05
N GLU A 255 -43.81 -7.16 17.41
CA GLU A 255 -44.57 -5.92 17.45
C GLU A 255 -44.34 -5.11 16.19
N TRP A 256 -45.40 -4.52 15.66
CA TRP A 256 -45.30 -3.62 14.51
C TRP A 256 -44.65 -2.32 14.97
N TYR A 257 -43.37 -2.13 14.66
CA TYR A 257 -42.64 -1.03 15.24
C TYR A 257 -43.10 0.33 14.71
N PHE A 258 -43.48 0.42 13.44
CA PHE A 258 -43.82 1.71 12.85
C PHE A 258 -45.14 2.27 13.35
N MET A 259 -45.92 1.50 14.11
CA MET A 259 -47.21 2.00 14.60
C MET A 259 -47.02 3.02 15.71
N ASP A 260 -46.06 2.80 16.61
CA ASP A 260 -45.86 3.68 17.75
C ASP A 260 -44.75 4.70 17.55
N HIS A 261 -43.77 4.41 16.71
CA HIS A 261 -42.56 5.23 16.57
C HIS A 261 -42.35 5.63 15.12
N TRP A 262 -43.40 6.15 14.47
CA TRP A 262 -43.26 6.64 13.12
C TRP A 262 -42.56 8.00 13.03
N LYS A 263 -42.58 8.78 14.12
CA LYS A 263 -41.84 10.03 14.14
C LYS A 263 -40.34 9.79 13.99
N LEU A 264 -39.82 8.76 14.67
CA LEU A 264 -38.43 8.40 14.49
C LEU A 264 -38.14 7.97 13.07
N MET A 265 -39.07 7.24 12.45
CA MET A 265 -38.90 6.83 11.06
C MET A 265 -38.77 8.04 10.15
N LEU A 266 -39.66 9.03 10.33
CA LEU A 266 -39.61 10.22 9.49
C LEU A 266 -38.32 11.02 9.73
N TYR A 267 -37.91 11.14 10.99
CA TYR A 267 -36.68 11.87 11.29
C TYR A 267 -35.47 11.19 10.64
N ASN A 268 -35.42 9.85 10.69
CA ASN A 268 -34.29 9.14 10.09
C ASN A 268 -34.30 9.22 8.58
N PHE A 269 -35.49 9.17 7.96
CA PHE A 269 -35.57 9.36 6.52
C PHE A 269 -35.07 10.75 6.13
N GLY A 270 -35.46 11.77 6.89
CA GLY A 270 -34.96 13.10 6.61
C GLY A 270 -33.45 13.21 6.76
N ILE A 271 -32.90 12.55 7.77
CA ILE A 271 -31.46 12.56 7.98
C ILE A 271 -30.73 11.96 6.79
N VAL A 272 -31.18 10.79 6.32
CA VAL A 272 -30.48 10.17 5.20
C VAL A 272 -30.66 10.98 3.93
N ALA A 273 -31.83 11.60 3.74
CA ALA A 273 -32.03 12.43 2.56
C ALA A 273 -31.08 13.62 2.55
N ILE A 274 -30.94 14.29 3.70
CA ILE A 274 -30.04 15.44 3.79
C ILE A 274 -28.60 15.01 3.55
N PHE A 275 -28.19 13.89 4.14
CA PHE A 275 -26.83 13.41 3.96
C PHE A 275 -26.53 13.12 2.49
N PHE A 276 -27.46 12.42 1.82
CA PHE A 276 -27.25 12.10 0.41
C PHE A 276 -27.18 13.37 -0.43
N ALA A 277 -28.08 14.33 -0.18
CA ALA A 277 -28.09 15.54 -1.00
C ALA A 277 -26.78 16.31 -0.85
N ILE A 278 -26.33 16.55 0.39
CA ILE A 278 -25.11 17.32 0.60
C ILE A 278 -23.91 16.58 0.01
N GLY A 279 -23.82 15.26 0.23
CA GLY A 279 -22.70 14.51 -0.30
C GLY A 279 -22.65 14.53 -1.81
N ALA A 280 -23.81 14.37 -2.46
CA ALA A 280 -23.84 14.39 -3.92
C ALA A 280 -23.41 15.74 -4.47
N TYR A 281 -23.91 16.82 -3.87
CA TYR A 281 -23.51 18.15 -4.33
C TYR A 281 -22.01 18.36 -4.18
N LEU A 282 -21.46 18.01 -3.02
CA LEU A 282 -20.03 18.22 -2.79
C LEU A 282 -19.18 17.35 -3.73
N HIS A 283 -19.59 16.09 -3.94
CA HIS A 283 -18.84 15.21 -4.83
C HIS A 283 -18.83 15.74 -6.26
N MET A 284 -19.98 16.19 -6.75
CA MET A 284 -20.02 16.71 -8.11
C MET A 284 -19.25 18.02 -8.23
N LYS A 285 -19.17 18.80 -7.16
CA LYS A 285 -18.50 20.10 -7.23
C LYS A 285 -16.99 19.96 -7.38
N TYR A 286 -16.38 19.01 -6.68
CA TYR A 286 -14.93 18.88 -6.64
C TYR A 286 -14.41 17.70 -7.45
N ARG A 287 -15.26 17.05 -8.25
CA ARG A 287 -14.88 15.80 -8.90
C ARG A 287 -13.73 16.00 -9.88
N ASP A 288 -13.72 17.12 -10.60
CA ASP A 288 -12.71 17.35 -11.63
C ASP A 288 -11.35 17.68 -11.05
N GLN A 289 -11.30 18.29 -9.86
CA GLN A 289 -10.05 18.71 -9.24
C GLN A 289 -9.57 17.71 -8.18
N PHE A 290 -9.95 16.43 -8.30
CA PHE A 290 -9.55 15.46 -7.29
C PHE A 290 -8.06 15.17 -7.36
N ALA A 291 -7.50 15.16 -8.57
CA ALA A 291 -6.07 14.88 -8.72
C ALA A 291 -5.21 15.98 -8.08
N ASP A 292 -5.64 17.24 -8.21
CA ASP A 292 -4.87 18.33 -7.62
C ASP A 292 -4.81 18.21 -6.10
N PHE A 293 -5.95 17.87 -5.47
CA PHE A 293 -5.98 17.71 -4.02
C PHE A 293 -5.26 16.44 -3.57
N LEU A 294 -5.40 15.36 -4.34
CA LEU A 294 -4.81 14.08 -4.00
C LEU A 294 -3.35 14.03 -4.39
N MET B 1 -10.56 14.18 -43.97
CA MET B 1 -9.48 14.79 -43.21
C MET B 1 -9.90 15.05 -41.77
N ASN B 2 -10.85 14.26 -41.28
CA ASN B 2 -11.47 14.51 -39.98
C ASN B 2 -10.43 14.57 -38.87
N VAL B 3 -10.57 15.57 -38.01
CA VAL B 3 -9.64 15.78 -36.90
C VAL B 3 -10.00 14.83 -35.78
N SER B 4 -9.16 13.82 -35.57
CA SER B 4 -9.44 12.81 -34.54
C SER B 4 -9.34 13.41 -33.15
N VAL B 5 -8.29 14.18 -32.90
CA VAL B 5 -8.11 14.89 -31.64
C VAL B 5 -7.80 16.35 -31.96
N ASN B 6 -8.49 17.26 -31.30
CA ASN B 6 -8.26 18.69 -31.47
C ASN B 6 -7.93 19.31 -30.13
N ILE B 7 -6.94 20.20 -30.12
CA ILE B 7 -6.36 20.77 -28.91
C ILE B 7 -6.38 22.28 -29.07
N LYS B 8 -6.94 22.99 -28.06
CA LYS B 8 -7.03 24.44 -28.10
C LYS B 8 -6.54 25.01 -26.77
N ASN B 9 -5.34 25.62 -26.81
CA ASN B 9 -4.85 26.48 -25.73
C ASN B 9 -4.86 25.76 -24.38
N VAL B 10 -4.37 24.52 -24.37
CA VAL B 10 -4.28 23.73 -23.16
C VAL B 10 -3.17 24.28 -22.29
N THR B 11 -3.44 24.43 -20.99
CA THR B 11 -2.48 25.01 -20.06
C THR B 11 -2.70 24.39 -18.68
N LYS B 12 -1.63 23.85 -18.09
CA LYS B 12 -1.71 23.15 -16.82
C LYS B 12 -0.78 23.82 -15.82
N GLU B 13 -1.34 24.37 -14.75
CA GLU B 13 -0.56 24.99 -13.68
C GLU B 13 -0.51 24.06 -12.48
N TYR B 14 0.62 24.04 -11.79
CA TYR B 14 0.76 23.33 -10.53
C TYR B 14 1.35 24.28 -9.50
N ARG B 15 0.73 24.34 -8.33
CA ARG B 15 1.12 25.28 -7.30
C ARG B 15 2.17 24.65 -6.40
N ILE B 16 3.24 25.39 -6.16
CA ILE B 16 4.37 24.91 -5.38
C ILE B 16 4.19 25.33 -3.92
N TYR B 17 4.27 24.37 -3.00
CA TYR B 17 4.26 24.65 -1.58
C TYR B 17 5.43 23.91 -0.95
N ARG B 18 6.27 24.66 -0.22
CA ARG B 18 7.41 24.02 0.44
C ARG B 18 6.95 23.02 1.49
N THR B 19 5.93 23.37 2.26
CA THR B 19 5.42 22.50 3.31
C THR B 19 3.91 22.55 3.31
N ASN B 20 3.29 21.51 3.89
CA ASN B 20 1.84 21.48 4.01
C ASN B 20 1.32 22.63 4.87
N LYS B 21 2.15 23.16 5.76
CA LYS B 21 1.71 24.30 6.57
C LYS B 21 1.49 25.55 5.72
N GLU B 22 2.29 25.72 4.66
CA GLU B 22 2.02 26.79 3.71
C GLU B 22 0.69 26.56 3.00
N ARG B 23 0.37 25.29 2.70
CA ARG B 23 -0.94 24.98 2.14
C ARG B 23 -2.05 25.36 3.09
N MET B 24 -1.87 25.07 4.39
CA MET B 24 -2.84 25.50 5.38
C MET B 24 -2.96 27.02 5.42
N LYS B 25 -1.84 27.72 5.31
CA LYS B 25 -1.85 29.17 5.38
C LYS B 25 -2.63 29.76 4.21
N ASP B 26 -2.43 29.23 3.00
CA ASP B 26 -3.17 29.76 1.86
C ASP B 26 -4.61 29.28 1.85
N ALA B 27 -4.91 28.16 2.50
CA ALA B 27 -6.30 27.74 2.62
C ALA B 27 -7.07 28.62 3.60
N LEU B 28 -6.41 29.07 4.67
CA LEU B 28 -7.08 29.92 5.65
C LEU B 28 -7.42 31.28 5.05
N ILE B 29 -6.48 31.89 4.33
CA ILE B 29 -6.64 33.24 3.78
C ILE B 29 -6.55 33.13 2.26
N PRO B 30 -7.60 33.52 1.52
CA PRO B 30 -7.53 33.46 0.05
C PRO B 30 -6.58 34.48 -0.56
N LYS B 31 -6.14 35.50 0.19
CA LYS B 31 -5.24 36.50 -0.33
C LYS B 31 -3.82 35.99 -0.52
N HIS B 32 -3.48 34.85 0.06
CA HIS B 32 -2.12 34.33 -0.06
C HIS B 32 -1.85 33.84 -1.47
N LYS B 33 -0.63 34.09 -1.95
CA LYS B 33 -0.22 33.63 -3.26
C LYS B 33 1.17 33.00 -3.16
N ASN B 34 1.39 31.96 -3.96
CA ASN B 34 2.66 31.25 -3.97
C ASN B 34 3.10 31.02 -5.41
N LYS B 35 4.37 30.65 -5.56
CA LYS B 35 4.92 30.44 -6.89
C LYS B 35 4.24 29.27 -7.57
N THR B 36 4.03 29.39 -8.88
CA THR B 36 3.28 28.42 -9.65
C THR B 36 4.17 27.85 -10.74
N PHE B 37 4.17 26.52 -10.87
CA PHE B 37 4.98 25.83 -11.86
C PHE B 37 4.13 25.46 -13.06
N PHE B 38 4.55 25.88 -14.25
CA PHE B 38 3.74 25.75 -15.46
C PHE B 38 4.13 24.45 -16.18
N ALA B 39 3.35 23.39 -15.97
CA ALA B 39 3.65 22.13 -16.62
C ALA B 39 3.50 22.24 -18.14
N LEU B 40 2.45 22.90 -18.61
CA LEU B 40 2.25 23.18 -20.02
C LEU B 40 1.91 24.66 -20.20
N ASP B 41 2.07 25.13 -21.44
CA ASP B 41 1.80 26.52 -21.80
C ASP B 41 1.39 26.59 -23.26
N ASP B 42 0.15 26.98 -23.52
CA ASP B 42 -0.32 27.39 -24.85
C ASP B 42 0.04 26.35 -25.91
N ILE B 43 -0.47 25.14 -25.72
CA ILE B 43 -0.24 24.03 -26.63
C ILE B 43 -1.41 23.97 -27.60
N SER B 44 -1.10 23.92 -28.89
CA SER B 44 -2.12 23.80 -29.93
C SER B 44 -1.70 22.67 -30.86
N LEU B 45 -2.55 21.65 -30.96
CA LEU B 45 -2.27 20.47 -31.75
C LEU B 45 -3.49 20.11 -32.56
N LYS B 46 -3.26 19.48 -33.72
CA LYS B 46 -4.32 19.05 -34.61
C LYS B 46 -3.92 17.69 -35.18
N ALA B 47 -4.56 16.62 -34.72
CA ALA B 47 -4.24 15.28 -35.14
C ALA B 47 -5.29 14.79 -36.14
N TYR B 48 -4.83 14.31 -37.29
CA TYR B 48 -5.74 13.87 -38.33
C TYR B 48 -5.94 12.36 -38.24
N GLU B 49 -6.68 11.80 -39.19
CA GLU B 49 -6.97 10.37 -39.21
C GLU B 49 -5.89 9.61 -39.95
N GLY B 50 -5.64 8.38 -39.51
CA GLY B 50 -4.59 7.57 -40.10
C GLY B 50 -3.20 8.13 -39.88
N ASP B 51 -2.95 8.70 -38.71
CA ASP B 51 -1.69 9.37 -38.40
C ASP B 51 -1.03 8.69 -37.22
N VAL B 52 0.28 8.51 -37.31
CA VAL B 52 1.10 8.00 -36.21
C VAL B 52 2.04 9.12 -35.81
N ILE B 53 1.88 9.63 -34.59
CA ILE B 53 2.64 10.77 -34.10
C ILE B 53 3.55 10.30 -32.98
N GLY B 54 4.85 10.60 -33.11
CA GLY B 54 5.80 10.32 -32.06
C GLY B 54 6.18 11.60 -31.35
N LEU B 55 6.10 11.56 -30.01
CA LEU B 55 6.46 12.69 -29.18
C LEU B 55 7.89 12.53 -28.71
N VAL B 56 8.71 13.57 -28.91
CA VAL B 56 10.13 13.50 -28.57
C VAL B 56 10.49 14.71 -27.73
N GLY B 57 11.45 14.52 -26.83
CA GLY B 57 11.89 15.59 -25.95
C GLY B 57 12.75 15.04 -24.85
N ILE B 58 13.27 15.96 -24.04
CA ILE B 58 14.13 15.62 -22.90
C ILE B 58 13.27 15.33 -21.68
N ASN B 59 13.87 14.77 -20.64
CA ASN B 59 13.16 14.46 -19.41
C ASN B 59 12.60 15.73 -18.77
N GLY B 60 11.35 15.66 -18.35
CA GLY B 60 10.67 16.80 -17.78
C GLY B 60 10.04 17.74 -18.79
N SER B 61 9.92 17.33 -20.05
CA SER B 61 9.36 18.21 -21.06
C SER B 61 7.87 18.42 -20.87
N GLY B 62 7.12 17.34 -20.64
CA GLY B 62 5.67 17.44 -20.52
C GLY B 62 4.91 16.58 -21.50
N LYS B 63 5.54 15.50 -21.98
CA LYS B 63 4.85 14.60 -22.89
C LYS B 63 3.84 13.70 -22.17
N SER B 64 4.20 13.21 -20.98
CA SER B 64 3.26 12.39 -20.22
C SER B 64 2.06 13.20 -19.77
N THR B 65 2.26 14.47 -19.40
CA THR B 65 1.12 15.33 -19.07
C THR B 65 0.20 15.49 -20.28
N LEU B 66 0.78 15.70 -21.46
CA LEU B 66 -0.03 15.87 -22.66
C LEU B 66 -0.80 14.60 -23.00
N SER B 67 -0.14 13.44 -22.88
CA SER B 67 -0.83 12.18 -23.15
C SER B 67 -1.96 11.95 -22.16
N ASN B 68 -1.73 12.27 -20.88
CA ASN B 68 -2.78 12.11 -19.89
C ASN B 68 -3.95 13.04 -20.15
N ILE B 69 -3.68 14.29 -20.53
CA ILE B 69 -4.75 15.25 -20.83
C ILE B 69 -5.54 14.80 -22.05
N ILE B 70 -4.86 14.27 -23.07
CA ILE B 70 -5.56 13.72 -24.22
C ILE B 70 -6.44 12.55 -23.81
N GLY B 71 -5.93 11.69 -22.91
CA GLY B 71 -6.72 10.58 -22.42
C GLY B 71 -7.82 10.98 -21.47
N GLY B 72 -7.83 12.24 -21.02
CA GLY B 72 -8.88 12.76 -20.15
C GLY B 72 -8.61 12.59 -18.67
N SER B 73 -7.54 11.90 -18.29
CA SER B 73 -7.27 11.68 -16.87
C SER B 73 -6.95 12.97 -16.13
N LEU B 74 -6.41 13.96 -16.83
CA LEU B 74 -6.08 15.26 -16.24
C LEU B 74 -6.96 16.33 -16.85
N SER B 75 -7.41 17.25 -16.03
CA SER B 75 -8.26 18.34 -16.51
C SER B 75 -7.42 19.59 -16.74
N PRO B 76 -7.47 20.18 -17.93
CA PRO B 76 -6.68 21.39 -18.18
C PRO B 76 -7.19 22.58 -17.37
N THR B 77 -6.26 23.38 -16.87
CA THR B 77 -6.63 24.59 -16.15
C THR B 77 -7.28 25.61 -17.09
N VAL B 78 -6.72 25.78 -18.27
CA VAL B 78 -7.28 26.67 -19.29
C VAL B 78 -7.18 25.97 -20.64
N GLY B 79 -8.25 26.02 -21.42
CA GLY B 79 -8.27 25.44 -22.75
C GLY B 79 -9.23 24.27 -22.84
N LYS B 80 -9.15 23.59 -23.98
CA LYS B 80 -10.05 22.47 -24.24
C LYS B 80 -9.39 21.47 -25.18
N VAL B 81 -9.94 20.26 -25.20
CA VAL B 81 -9.47 19.18 -26.06
C VAL B 81 -10.64 18.24 -26.34
N ASP B 82 -10.83 17.91 -27.61
CA ASP B 82 -11.93 17.06 -28.02
C ASP B 82 -11.40 15.88 -28.83
N ARG B 83 -12.07 14.74 -28.69
CA ARG B 83 -11.71 13.53 -29.43
C ARG B 83 -12.96 12.96 -30.10
N ASN B 84 -12.82 12.58 -31.37
CA ASN B 84 -13.96 12.03 -32.10
C ASN B 84 -14.40 10.70 -31.50
N GLY B 85 -13.46 9.80 -31.22
CA GLY B 85 -13.76 8.50 -30.67
C GLY B 85 -13.35 8.37 -29.22
N GLU B 86 -13.25 7.12 -28.78
CA GLU B 86 -12.83 6.79 -27.44
C GLU B 86 -11.34 6.44 -27.42
N VAL B 87 -10.65 6.93 -26.39
CA VAL B 87 -9.19 6.90 -26.33
C VAL B 87 -8.76 5.85 -25.31
N SER B 88 -7.76 5.07 -25.68
CA SER B 88 -7.15 4.10 -24.78
C SER B 88 -5.66 4.38 -24.65
N VAL B 89 -5.15 4.26 -23.43
CA VAL B 89 -3.77 4.61 -23.12
C VAL B 89 -3.06 3.38 -22.59
N ILE B 90 -1.89 3.08 -23.14
CA ILE B 90 -1.00 2.04 -22.64
C ILE B 90 0.18 2.73 -21.98
N ALA B 91 0.41 2.42 -20.72
CA ALA B 91 1.46 3.08 -19.94
C ALA B 91 2.62 2.13 -19.69
N ILE B 92 3.69 2.67 -19.09
CA ILE B 92 4.88 1.88 -18.80
C ILE B 92 4.56 0.78 -17.80
N SER B 93 3.80 1.11 -16.76
CA SER B 93 3.42 0.16 -15.72
C SER B 93 1.91 -0.05 -15.77
N ALA B 94 1.50 -1.21 -16.27
CA ALA B 94 0.09 -1.56 -16.30
C ALA B 94 -0.43 -1.77 -14.89
N GLY B 95 -1.68 -1.39 -14.66
CA GLY B 95 -2.26 -1.53 -13.33
C GLY B 95 -2.84 -2.90 -13.11
N LEU B 96 -2.10 -3.77 -12.43
CA LEU B 96 -2.51 -5.14 -12.17
C LEU B 96 -2.32 -5.45 -10.69
N SER B 97 -3.13 -6.37 -10.19
CA SER B 97 -3.05 -6.81 -8.80
C SER B 97 -2.26 -8.11 -8.73
N GLY B 98 -1.20 -8.10 -7.91
CA GLY B 98 -0.39 -9.29 -7.79
C GLY B 98 -1.07 -10.46 -7.11
N GLN B 99 -2.13 -10.20 -6.35
CA GLN B 99 -2.83 -11.28 -5.66
C GLN B 99 -3.71 -12.08 -6.62
N LEU B 100 -4.36 -11.40 -7.56
CA LEU B 100 -5.24 -12.09 -8.49
C LEU B 100 -4.46 -12.84 -9.55
N THR B 101 -5.09 -13.84 -10.14
CA THR B 101 -4.48 -14.64 -11.20
C THR B 101 -4.57 -13.91 -12.53
N GLY B 102 -4.08 -14.55 -13.59
CA GLY B 102 -4.13 -13.93 -14.91
C GLY B 102 -5.54 -13.73 -15.41
N ILE B 103 -6.37 -14.77 -15.30
CA ILE B 103 -7.75 -14.68 -15.80
C ILE B 103 -8.57 -13.73 -14.95
N GLU B 104 -8.37 -13.76 -13.64
CA GLU B 104 -9.05 -12.82 -12.76
C GLU B 104 -8.64 -11.38 -13.08
N ASN B 105 -7.36 -11.17 -13.41
CA ASN B 105 -6.92 -9.83 -13.82
C ASN B 105 -7.55 -9.41 -15.14
N ILE B 106 -7.68 -10.33 -16.09
CA ILE B 106 -8.36 -10.01 -17.34
C ILE B 106 -9.79 -9.57 -17.08
N GLU B 107 -10.52 -10.34 -16.25
CA GLU B 107 -11.90 -10.01 -15.94
C GLU B 107 -12.01 -8.67 -15.21
N PHE B 108 -11.16 -8.47 -14.19
CA PHE B 108 -11.19 -7.23 -13.42
C PHE B 108 -10.92 -6.02 -14.30
N LYS B 109 -9.87 -6.10 -15.13
CA LYS B 109 -9.48 -4.96 -15.95
C LYS B 109 -10.51 -4.68 -17.03
N MET B 110 -11.09 -5.72 -17.63
CA MET B 110 -12.08 -5.48 -18.68
C MET B 110 -13.40 -5.01 -18.10
N LEU B 111 -13.73 -5.39 -16.86
CA LEU B 111 -14.90 -4.80 -16.21
C LEU B 111 -14.67 -3.34 -15.89
N CYS B 112 -13.52 -3.01 -15.31
CA CYS B 112 -13.21 -1.62 -15.00
C CYS B 112 -13.13 -0.75 -16.26
N MET B 113 -12.75 -1.35 -17.40
CA MET B 113 -12.68 -0.58 -18.63
C MET B 113 -14.06 -0.16 -19.12
N GLY B 114 -15.09 -0.96 -18.84
CA GLY B 114 -16.44 -0.61 -19.24
C GLY B 114 -17.08 -1.61 -20.17
N PHE B 115 -16.69 -2.88 -20.07
CA PHE B 115 -17.23 -3.94 -20.91
C PHE B 115 -18.24 -4.75 -20.11
N LYS B 116 -19.38 -5.04 -20.73
CA LYS B 116 -20.33 -5.95 -20.11
C LYS B 116 -19.85 -7.39 -20.26
N ARG B 117 -20.40 -8.28 -19.44
CA ARG B 117 -19.86 -9.63 -19.26
C ARG B 117 -19.82 -10.43 -20.56
N LYS B 118 -20.88 -10.33 -21.37
CA LYS B 118 -21.00 -11.17 -22.55
C LYS B 118 -19.82 -10.98 -23.50
N GLU B 119 -19.28 -9.77 -23.60
CA GLU B 119 -18.08 -9.55 -24.40
C GLU B 119 -16.86 -10.18 -23.77
N ILE B 120 -16.75 -10.11 -22.43
CA ILE B 120 -15.59 -10.67 -21.74
C ILE B 120 -15.53 -12.18 -21.96
N LYS B 121 -16.68 -12.85 -21.92
CA LYS B 121 -16.67 -14.31 -22.07
C LYS B 121 -16.09 -14.72 -23.42
N ALA B 122 -16.44 -14.00 -24.48
CA ALA B 122 -15.96 -14.33 -25.81
C ALA B 122 -14.57 -13.77 -26.10
N MET B 123 -14.11 -12.77 -25.34
CA MET B 123 -12.83 -12.14 -25.61
C MET B 123 -11.69 -12.73 -24.79
N THR B 124 -11.99 -13.49 -23.73
CA THR B 124 -10.91 -14.05 -22.91
C THR B 124 -9.94 -14.95 -23.69
N PRO B 125 -10.38 -15.93 -24.53
CA PRO B 125 -9.42 -16.86 -25.20
C PRO B 125 -8.40 -16.08 -26.01
N LYS B 126 -8.86 -15.10 -26.81
CA LYS B 126 -7.93 -14.39 -27.69
C LYS B 126 -6.82 -13.71 -26.88
N ILE B 127 -7.18 -13.09 -25.76
CA ILE B 127 -6.19 -12.46 -24.90
C ILE B 127 -5.24 -13.52 -24.33
N ILE B 128 -5.79 -14.66 -23.91
CA ILE B 128 -4.94 -15.72 -23.36
C ILE B 128 -3.94 -16.19 -24.41
N GLU B 129 -4.40 -16.37 -25.66
CA GLU B 129 -3.50 -16.80 -26.72
C GLU B 129 -2.44 -15.75 -27.02
N PHE B 130 -2.82 -14.48 -27.06
CA PHE B 130 -1.88 -13.41 -27.36
C PHE B 130 -0.83 -13.24 -26.26
N SER B 131 -1.19 -13.51 -25.00
CA SER B 131 -0.26 -13.28 -23.90
C SER B 131 0.97 -14.19 -24.00
N GLU B 132 0.77 -15.44 -24.43
CA GLU B 132 1.81 -16.46 -24.50
C GLU B 132 2.32 -16.90 -23.13
N LEU B 133 1.59 -16.60 -22.06
CA LEU B 133 2.04 -16.98 -20.73
C LEU B 133 1.89 -18.48 -20.49
N GLY B 134 0.80 -19.06 -20.98
CA GLY B 134 0.57 -20.48 -20.80
C GLY B 134 0.12 -20.84 -19.40
N GLU B 135 0.84 -21.78 -18.77
CA GLU B 135 0.45 -22.26 -17.43
C GLU B 135 0.40 -21.12 -16.43
N PHE B 136 1.28 -20.13 -16.58
CA PHE B 136 1.33 -19.03 -15.64
C PHE B 136 0.08 -18.16 -15.69
N ILE B 137 -0.79 -18.35 -16.67
CA ILE B 137 -2.07 -17.63 -16.65
C ILE B 137 -2.93 -18.09 -15.48
N TYR B 138 -2.55 -19.21 -14.85
CA TYR B 138 -3.32 -19.69 -13.71
C TYR B 138 -2.75 -19.22 -12.38
N GLN B 139 -1.48 -18.82 -12.37
CA GLN B 139 -0.83 -18.40 -11.14
C GLN B 139 -0.96 -16.89 -10.95
N PRO B 140 -0.80 -16.40 -9.73
CA PRO B 140 -0.94 -14.96 -9.48
C PRO B 140 0.12 -14.14 -10.19
N VAL B 141 -0.20 -12.87 -10.40
CA VAL B 141 0.67 -11.98 -11.17
C VAL B 141 1.94 -11.62 -10.39
N LYS B 142 1.93 -11.76 -9.07
CA LYS B 142 3.11 -11.43 -8.30
C LYS B 142 4.26 -12.40 -8.58
N LYS B 143 3.93 -13.57 -9.13
CA LYS B 143 4.98 -14.54 -9.47
C LYS B 143 5.62 -14.22 -10.81
N TYR B 144 5.01 -13.33 -11.58
CA TYR B 144 5.46 -13.05 -12.93
C TYR B 144 6.76 -12.25 -12.92
N SER B 145 7.49 -12.33 -14.04
CA SER B 145 8.56 -11.39 -14.28
C SER B 145 8.01 -10.13 -14.93
N SER B 146 8.85 -9.09 -15.00
CA SER B 146 8.40 -7.80 -15.52
C SER B 146 7.98 -7.91 -16.99
N GLY B 147 8.73 -8.68 -17.78
CA GLY B 147 8.37 -8.86 -19.17
C GLY B 147 7.00 -9.51 -19.34
N MET B 148 6.71 -10.52 -18.52
CA MET B 148 5.41 -11.21 -18.63
C MET B 148 4.26 -10.32 -18.19
N ARG B 149 4.46 -9.51 -17.14
CA ARG B 149 3.42 -8.56 -16.76
C ARG B 149 3.17 -7.54 -17.87
N ALA B 150 4.25 -7.07 -18.51
CA ALA B 150 4.08 -6.16 -19.64
C ALA B 150 3.32 -6.82 -20.78
N LYS B 151 3.64 -8.09 -21.06
CA LYS B 151 2.94 -8.82 -22.10
C LYS B 151 1.46 -8.96 -21.80
N LEU B 152 1.11 -9.29 -20.55
CA LEU B 152 -0.30 -9.41 -20.19
C LEU B 152 -1.02 -8.08 -20.33
N GLY B 153 -0.41 -7.00 -19.84
CA GLY B 153 -1.05 -5.70 -19.95
C GLY B 153 -1.27 -5.27 -21.39
N PHE B 154 -0.25 -5.45 -22.23
CA PHE B 154 -0.39 -5.12 -23.65
C PHE B 154 -1.45 -5.97 -24.32
N SER B 155 -1.51 -7.26 -23.99
CA SER B 155 -2.50 -8.13 -24.60
C SER B 155 -3.92 -7.71 -24.22
N ILE B 156 -4.14 -7.36 -22.95
CA ILE B 156 -5.48 -6.90 -22.55
C ILE B 156 -5.83 -5.60 -23.26
N ASN B 157 -4.88 -4.66 -23.32
CA ASN B 157 -5.19 -3.34 -23.86
C ASN B 157 -5.42 -3.36 -25.36
N ILE B 158 -4.66 -4.18 -26.09
CA ILE B 158 -4.75 -4.14 -27.55
C ILE B 158 -6.01 -4.85 -28.04
N THR B 159 -6.49 -5.86 -27.31
CA THR B 159 -7.60 -6.66 -27.79
C THR B 159 -8.88 -5.84 -27.86
N VAL B 160 -9.17 -5.04 -26.83
CA VAL B 160 -10.20 -4.03 -26.96
C VAL B 160 -9.74 -3.04 -28.02
N ASN B 161 -10.66 -2.64 -28.90
CA ASN B 161 -10.26 -1.91 -30.09
C ASN B 161 -10.45 -0.42 -29.88
N PRO B 162 -9.39 0.35 -29.67
CA PRO B 162 -9.58 1.79 -29.45
C PRO B 162 -9.65 2.55 -30.76
N ASP B 163 -10.53 3.55 -30.79
CA ASP B 163 -10.52 4.47 -31.93
C ASP B 163 -9.22 5.25 -31.97
N ILE B 164 -8.69 5.61 -30.80
CA ILE B 164 -7.42 6.31 -30.66
C ILE B 164 -6.59 5.57 -29.61
N LEU B 165 -5.32 5.32 -29.92
CA LEU B 165 -4.43 4.58 -29.03
C LEU B 165 -3.21 5.44 -28.71
N VAL B 166 -2.83 5.49 -27.44
CA VAL B 166 -1.68 6.27 -26.99
C VAL B 166 -0.76 5.36 -26.21
N ILE B 167 0.34 4.93 -26.84
CA ILE B 167 1.33 4.07 -26.20
C ILE B 167 2.45 4.97 -25.67
N ASP B 168 2.78 4.82 -24.39
CA ASP B 168 3.75 5.68 -23.71
C ASP B 168 4.82 4.82 -23.06
N GLU B 169 5.97 4.67 -23.74
CA GLU B 169 7.18 4.02 -23.17
C GLU B 169 6.85 2.61 -22.66
N ALA B 170 5.96 1.81 -23.38
CA ALA B 170 5.49 0.51 -22.91
C ALA B 170 6.29 -0.66 -23.48
N LEU B 171 7.07 -0.44 -24.53
CA LEU B 171 7.79 -1.51 -25.21
C LEU B 171 9.26 -1.57 -24.80
N SER B 172 9.64 -0.90 -23.71
CA SER B 172 11.04 -0.91 -23.30
C SER B 172 11.45 -2.28 -22.75
N VAL B 173 10.53 -2.96 -22.06
CA VAL B 173 10.89 -4.19 -21.37
C VAL B 173 10.74 -5.41 -22.27
N GLY B 174 9.88 -5.33 -23.28
CA GLY B 174 9.66 -6.48 -24.14
C GLY B 174 10.87 -6.79 -24.99
N ASP B 175 11.02 -8.07 -25.33
CA ASP B 175 12.14 -8.47 -26.16
C ASP B 175 11.85 -8.20 -27.63
N GLN B 176 12.79 -8.60 -28.49
CA GLN B 176 12.63 -8.35 -29.92
C GLN B 176 11.51 -9.20 -30.51
N THR B 177 11.32 -10.41 -30.00
CA THR B 177 10.25 -11.26 -30.49
C THR B 177 8.89 -10.63 -30.23
N PHE B 178 8.67 -10.08 -29.04
CA PHE B 178 7.42 -9.38 -28.76
C PHE B 178 7.33 -8.07 -29.52
N ALA B 179 8.47 -7.41 -29.74
CA ALA B 179 8.46 -6.14 -30.47
C ALA B 179 8.02 -6.33 -31.91
N GLN B 180 8.41 -7.43 -32.55
CA GLN B 180 7.97 -7.68 -33.92
C GLN B 180 6.46 -7.90 -33.98
N LYS B 181 5.92 -8.65 -33.03
CA LYS B 181 4.48 -8.89 -32.99
C LYS B 181 3.72 -7.59 -32.72
N CYS B 182 4.24 -6.75 -31.84
CA CYS B 182 3.63 -5.44 -31.62
C CYS B 182 3.69 -4.58 -32.87
N LEU B 183 4.79 -4.66 -33.62
CA LEU B 183 4.89 -3.92 -34.88
C LEU B 183 3.84 -4.40 -35.88
N ASP B 184 3.64 -5.70 -35.98
CA ASP B 184 2.60 -6.21 -36.86
C ASP B 184 1.22 -5.75 -36.42
N LYS B 185 0.96 -5.74 -35.11
CA LYS B 185 -0.30 -5.22 -34.61
C LYS B 185 -0.46 -3.75 -34.97
N ILE B 186 0.62 -2.98 -34.91
CA ILE B 186 0.56 -1.57 -35.30
C ILE B 186 0.25 -1.44 -36.78
N TYR B 187 0.78 -2.33 -37.62
CA TYR B 187 0.41 -2.33 -39.04
C TYR B 187 -1.08 -2.56 -39.22
N GLU B 188 -1.62 -3.57 -38.51
CA GLU B 188 -3.05 -3.84 -38.60
C GLU B 188 -3.87 -2.64 -38.14
N PHE B 189 -3.42 -1.97 -37.08
CA PHE B 189 -4.14 -0.80 -36.60
C PHE B 189 -4.06 0.35 -37.59
N LYS B 190 -2.90 0.53 -38.22
CA LYS B 190 -2.75 1.55 -39.25
C LYS B 190 -3.66 1.30 -40.43
N GLU B 191 -3.97 0.03 -40.70
CA GLU B 191 -4.93 -0.29 -41.76
C GLU B 191 -6.28 0.36 -41.50
N GLN B 192 -6.69 0.46 -40.23
CA GLN B 192 -8.01 0.98 -39.88
C GLN B 192 -8.05 2.49 -39.69
N ASN B 193 -6.98 3.20 -40.07
CA ASN B 193 -6.92 4.67 -40.03
C ASN B 193 -7.01 5.24 -38.61
N LYS B 194 -6.86 4.41 -37.58
CA LYS B 194 -6.94 4.93 -36.22
C LYS B 194 -5.68 5.69 -35.87
N THR B 195 -5.84 6.72 -35.03
CA THR B 195 -4.71 7.57 -34.64
C THR B 195 -3.94 6.95 -33.48
N ILE B 196 -2.63 6.81 -33.67
CA ILE B 196 -1.75 6.17 -32.70
C ILE B 196 -0.66 7.14 -32.32
N PHE B 197 -0.46 7.32 -31.02
CA PHE B 197 0.65 8.10 -30.49
C PHE B 197 1.68 7.14 -29.91
N PHE B 198 2.96 7.40 -30.18
CA PHE B 198 4.04 6.54 -29.75
C PHE B 198 5.09 7.36 -29.01
N VAL B 199 5.30 7.05 -27.73
CA VAL B 199 6.31 7.71 -26.91
C VAL B 199 7.39 6.68 -26.58
N SER B 200 8.62 6.95 -27.02
CA SER B 200 9.72 6.03 -26.77
C SER B 200 11.03 6.77 -26.87
N HIS B 201 12.03 6.29 -26.13
CA HIS B 201 13.38 6.84 -26.17
C HIS B 201 14.30 6.04 -27.08
N ASN B 202 13.78 5.03 -27.76
CA ASN B 202 14.55 4.26 -28.74
C ASN B 202 14.29 4.87 -30.10
N LEU B 203 15.30 5.56 -30.65
CA LEU B 203 15.11 6.28 -31.90
C LEU B 203 14.94 5.33 -33.08
N GLY B 204 15.52 4.13 -33.00
CA GLY B 204 15.27 3.14 -34.04
C GLY B 204 13.82 2.72 -34.11
N GLN B 205 13.19 2.49 -32.95
CA GLN B 205 11.78 2.15 -32.93
C GLN B 205 10.90 3.31 -33.38
N VAL B 206 11.28 4.55 -33.04
CA VAL B 206 10.53 5.71 -33.53
C VAL B 206 10.64 5.81 -35.04
N ARG B 207 11.82 5.54 -35.59
CA ARG B 207 11.97 5.52 -37.05
C ARG B 207 11.12 4.42 -37.69
N GLN B 208 11.11 3.23 -37.08
CA GLN B 208 10.41 2.10 -37.68
C GLN B 208 8.89 2.18 -37.51
N PHE B 209 8.40 2.89 -36.49
CA PHE B 209 6.99 2.85 -36.13
C PHE B 209 6.19 4.05 -36.60
N CYS B 210 6.73 5.26 -36.49
CA CYS B 210 5.95 6.48 -36.63
C CYS B 210 6.03 7.04 -38.05
N THR B 211 5.22 8.06 -38.30
CA THR B 211 5.22 8.79 -39.57
C THR B 211 5.26 10.30 -39.40
N LYS B 212 4.86 10.83 -38.25
CA LYS B 212 4.95 12.26 -37.97
C LYS B 212 5.57 12.44 -36.60
N ILE B 213 6.16 13.61 -36.35
CA ILE B 213 6.90 13.86 -35.13
C ILE B 213 6.46 15.20 -34.53
N ALA B 214 6.18 15.20 -33.22
CA ALA B 214 5.99 16.40 -32.42
C ALA B 214 7.10 16.47 -31.39
N TRP B 215 7.65 17.68 -31.22
CA TRP B 215 8.82 17.92 -30.39
C TRP B 215 8.49 19.01 -29.39
N ILE B 216 8.57 18.68 -28.11
CA ILE B 216 8.17 19.55 -27.01
C ILE B 216 9.40 19.90 -26.19
N GLU B 217 9.56 21.19 -25.88
CA GLU B 217 10.68 21.67 -25.07
C GLU B 217 10.16 22.58 -23.97
N GLY B 218 10.37 22.18 -22.73
CA GLY B 218 9.97 23.01 -21.59
C GLY B 218 8.48 23.28 -21.51
N GLY B 219 7.66 22.26 -21.74
CA GLY B 219 6.23 22.43 -21.75
C GLY B 219 5.71 23.29 -22.89
N LYS B 220 6.39 23.26 -24.03
CA LYS B 220 5.97 24.03 -25.20
C LYS B 220 6.26 23.20 -26.44
N LEU B 221 5.26 23.06 -27.31
CA LEU B 221 5.42 22.26 -28.52
C LEU B 221 6.39 22.95 -29.46
N LYS B 222 7.63 22.47 -29.51
CA LYS B 222 8.66 23.18 -30.25
C LYS B 222 8.48 23.03 -31.76
N ASP B 223 8.21 21.82 -32.24
CA ASP B 223 8.10 21.62 -33.69
C ASP B 223 7.21 20.42 -33.98
N TYR B 224 6.14 20.64 -34.73
CA TYR B 224 5.20 19.59 -35.11
C TYR B 224 5.19 19.47 -36.62
N GLY B 225 5.33 18.26 -37.14
CA GLY B 225 5.28 18.09 -38.58
C GLY B 225 5.72 16.71 -39.02
N GLU B 226 6.22 16.64 -40.25
CA GLU B 226 6.70 15.38 -40.80
C GLU B 226 7.97 14.96 -40.08
N LEU B 227 8.15 13.64 -39.93
CA LEU B 227 9.29 13.15 -39.17
C LEU B 227 10.61 13.52 -39.84
N ASP B 228 10.63 13.51 -41.18
CA ASP B 228 11.89 13.73 -41.90
C ASP B 228 12.42 15.13 -41.68
N ASP B 229 11.58 16.06 -41.24
CA ASP B 229 12.04 17.41 -40.92
C ASP B 229 12.36 17.57 -39.44
N VAL B 230 11.44 17.13 -38.57
CA VAL B 230 11.60 17.39 -37.14
C VAL B 230 12.73 16.54 -36.56
N LEU B 231 12.76 15.26 -36.91
CA LEU B 231 13.71 14.35 -36.26
C LEU B 231 15.18 14.76 -36.45
N PRO B 232 15.64 15.15 -37.65
CA PRO B 232 17.02 15.66 -37.75
C PRO B 232 17.30 16.87 -36.88
N LYS B 233 16.32 17.77 -36.71
CA LYS B 233 16.54 18.91 -35.81
C LYS B 233 16.70 18.46 -34.37
N TYR B 234 15.89 17.50 -33.92
CA TYR B 234 16.04 16.99 -32.57
C TYR B 234 17.40 16.33 -32.39
N GLU B 235 17.86 15.56 -33.38
CA GLU B 235 19.16 14.93 -33.28
C GLU B 235 20.28 15.96 -33.24
N ALA B 236 20.17 17.01 -34.07
CA ALA B 236 21.16 18.08 -34.04
C ALA B 236 21.19 18.78 -32.69
N PHE B 237 20.01 19.02 -32.10
CA PHE B 237 19.95 19.62 -30.78
C PHE B 237 20.62 18.74 -29.74
N LEU B 238 20.39 17.42 -29.83
CA LEU B 238 21.02 16.50 -28.88
C LEU B 238 22.54 16.53 -29.00
N ASN B 239 23.05 16.49 -30.24
CA ASN B 239 24.50 16.53 -30.42
C ASN B 239 25.10 17.85 -29.94
N ASP B 240 24.43 18.98 -30.24
CA ASP B 240 24.92 20.26 -29.77
C ASP B 240 24.95 20.30 -28.24
N PHE B 241 23.91 19.79 -27.59
CA PHE B 241 23.88 19.76 -26.13
C PHE B 241 25.01 18.90 -25.60
N LYS B 242 25.31 17.78 -26.27
CA LYS B 242 26.43 16.95 -25.85
C LYS B 242 27.76 17.67 -26.03
N LYS B 243 27.83 18.62 -26.97
CA LYS B 243 29.09 19.33 -27.19
C LYS B 243 29.33 20.42 -26.15
N LYS B 244 28.29 20.89 -25.47
CA LYS B 244 28.45 22.00 -24.55
C LYS B 244 29.24 21.60 -23.31
N SER B 245 29.80 22.61 -22.64
CA SER B 245 30.45 22.40 -21.36
C SER B 245 29.41 22.21 -20.25
N LYS B 246 29.87 21.68 -19.12
CA LYS B 246 28.95 21.40 -18.01
C LYS B 246 28.31 22.69 -17.50
N ALA B 247 29.08 23.78 -17.42
CA ALA B 247 28.52 25.06 -17.02
C ALA B 247 27.47 25.57 -17.99
N GLU B 248 27.70 25.38 -19.29
CA GLU B 248 26.73 25.83 -20.28
C GLU B 248 25.43 25.04 -20.19
N GLN B 249 25.53 23.72 -20.01
CA GLN B 249 24.32 22.91 -19.82
C GLN B 249 23.59 23.32 -18.54
N LYS B 250 24.35 23.59 -17.48
CA LYS B 250 23.73 24.04 -16.23
C LYS B 250 23.00 25.36 -16.42
N GLU B 251 23.60 26.30 -17.15
CA GLU B 251 22.94 27.58 -17.36
C GLU B 251 21.73 27.46 -18.27
N PHE B 252 21.76 26.55 -19.25
CA PHE B 252 20.59 26.30 -20.07
C PHE B 252 19.44 25.74 -19.23
N ARG B 253 19.75 24.78 -18.36
CA ARG B 253 18.73 24.23 -17.48
C ARG B 253 18.19 25.28 -16.52
N ASN B 254 19.06 26.15 -16.01
CA ASN B 254 18.61 27.22 -15.12
C ASN B 254 17.71 28.19 -15.85
N LYS B 255 18.03 28.51 -17.11
CA LYS B 255 17.18 29.41 -17.88
C LYS B 255 15.81 28.79 -18.11
N LEU B 256 15.77 27.49 -18.44
CA LEU B 256 14.48 26.83 -18.60
C LEU B 256 13.69 26.83 -17.29
N ASP B 257 14.37 26.60 -16.17
CA ASP B 257 13.70 26.61 -14.86
C ASP B 257 13.12 27.99 -14.55
N GLU B 258 13.88 29.05 -14.84
CA GLU B 258 13.38 30.41 -14.63
C GLU B 258 12.19 30.70 -15.53
N SER B 259 12.23 30.22 -16.78
CA SER B 259 11.11 30.43 -17.68
C SER B 259 9.86 29.72 -17.21
N ARG B 260 10.00 28.50 -16.69
CA ARG B 260 8.82 27.74 -16.28
C ARG B 260 8.21 28.30 -14.99
N PHE B 261 9.04 28.69 -14.04
CA PHE B 261 8.54 29.16 -12.75
C PHE B 261 8.11 30.62 -12.82
N VAL B 262 7.13 30.97 -12.00
CA VAL B 262 6.62 32.34 -11.93
C VAL B 262 5.84 32.47 -10.63
N ILE B 263 5.67 33.70 -10.16
CA ILE B 263 4.88 33.99 -8.97
C ILE B 263 3.64 34.75 -9.44
N LYS B 264 2.48 34.16 -9.23
CA LYS B 264 1.22 34.76 -9.67
C LYS B 264 0.07 34.15 -8.89
N MET C 1 44.34 -11.93 -11.71
CA MET C 1 43.19 -12.55 -12.35
C MET C 1 42.11 -12.91 -11.34
N ASN C 2 42.09 -12.18 -10.22
CA ASN C 2 41.24 -12.53 -9.09
C ASN C 2 39.77 -12.61 -9.50
N VAL C 3 39.10 -13.67 -9.05
CA VAL C 3 37.71 -13.92 -9.38
C VAL C 3 36.85 -13.04 -8.47
N SER C 4 36.23 -12.01 -9.06
CA SER C 4 35.42 -11.08 -8.29
C SER C 4 34.16 -11.75 -7.77
N VAL C 5 33.48 -12.50 -8.63
CA VAL C 5 32.30 -13.28 -8.25
C VAL C 5 32.50 -14.70 -8.77
N ASN C 6 32.27 -15.68 -7.89
CA ASN C 6 32.36 -17.08 -8.27
C ASN C 6 31.03 -17.77 -7.98
N ILE C 7 30.61 -18.62 -8.90
CA ILE C 7 29.29 -19.24 -8.89
C ILE C 7 29.48 -20.74 -9.04
N LYS C 8 28.88 -21.52 -8.13
CA LYS C 8 29.00 -22.98 -8.13
C LYS C 8 27.62 -23.60 -8.00
N ASN C 9 27.13 -24.16 -9.10
CA ASN C 9 25.97 -25.07 -9.11
C ASN C 9 24.75 -24.43 -8.43
N VAL C 10 24.48 -23.18 -8.79
CA VAL C 10 23.34 -22.46 -8.26
C VAL C 10 22.06 -23.02 -8.88
N THR C 11 21.05 -23.25 -8.05
CA THR C 11 19.81 -23.85 -8.52
C THR C 11 18.66 -23.33 -7.65
N LYS C 12 17.63 -22.77 -8.28
CA LYS C 12 16.51 -22.16 -7.58
C LYS C 12 15.22 -22.86 -7.99
N GLU C 13 14.55 -23.48 -7.03
CA GLU C 13 13.27 -24.14 -7.26
C GLU C 13 12.15 -23.27 -6.70
N TYR C 14 11.01 -23.25 -7.39
CA TYR C 14 9.80 -22.61 -6.90
C TYR C 14 8.65 -23.60 -7.00
N ARG C 15 7.91 -23.75 -5.91
CA ARG C 15 6.84 -24.73 -5.84
C ARG C 15 5.53 -24.12 -6.32
N ILE C 16 4.85 -24.84 -7.21
CA ILE C 16 3.62 -24.36 -7.81
C ILE C 16 2.44 -24.87 -7.02
N TYR C 17 1.55 -23.96 -6.60
CA TYR C 17 0.30 -24.33 -5.96
C TYR C 17 -0.83 -23.59 -6.66
N ARG C 18 -1.83 -24.34 -7.11
CA ARG C 18 -2.97 -23.71 -7.79
C ARG C 18 -3.72 -22.78 -6.84
N THR C 19 -3.93 -23.22 -5.60
CA THR C 19 -4.65 -22.43 -4.61
C THR C 19 -3.93 -22.54 -3.27
N ASN C 20 -4.20 -21.56 -2.41
CA ASN C 20 -3.65 -21.58 -1.06
C ASN C 20 -4.12 -22.80 -0.27
N LYS C 21 -5.28 -23.36 -0.62
CA LYS C 21 -5.76 -24.55 0.07
C LYS C 21 -4.85 -25.75 -0.20
N GLU C 22 -4.29 -25.83 -1.41
CA GLU C 22 -3.27 -26.86 -1.66
C GLU C 22 -2.04 -26.64 -0.79
N ARG C 23 -1.67 -25.37 -0.58
CA ARG C 23 -0.58 -25.07 0.34
C ARG C 23 -0.90 -25.54 1.75
N MET C 24 -2.14 -25.32 2.19
CA MET C 24 -2.56 -25.84 3.49
C MET C 24 -2.47 -27.35 3.53
N LYS C 25 -2.87 -28.01 2.43
CA LYS C 25 -2.87 -29.47 2.39
C LYS C 25 -1.46 -30.02 2.50
N ASP C 26 -0.49 -29.41 1.80
CA ASP C 26 0.88 -29.90 1.90
C ASP C 26 1.53 -29.48 3.21
N ALA C 27 1.05 -28.40 3.84
CA ALA C 27 1.56 -28.03 5.15
C ALA C 27 1.09 -29.00 6.23
N LEU C 28 -0.16 -29.48 6.11
CA LEU C 28 -0.67 -30.42 7.11
C LEU C 28 0.06 -31.76 7.05
N ILE C 29 0.28 -32.29 5.85
CA ILE C 29 0.89 -33.60 5.66
C ILE C 29 2.20 -33.40 4.89
N PRO C 30 3.36 -33.78 5.46
CA PRO C 30 4.62 -33.64 4.72
C PRO C 30 4.77 -34.59 3.54
N LYS C 31 3.93 -35.62 3.44
CA LYS C 31 4.01 -36.57 2.33
C LYS C 31 3.50 -36.00 1.02
N HIS C 32 2.78 -34.87 1.05
CA HIS C 32 2.24 -34.31 -0.18
C HIS C 32 3.36 -33.73 -1.04
N LYS C 33 3.23 -33.90 -2.35
CA LYS C 33 4.18 -33.35 -3.29
C LYS C 33 3.43 -32.69 -4.44
N ASN C 34 4.00 -31.59 -4.94
CA ASN C 34 3.39 -30.83 -6.02
C ASN C 34 4.45 -30.51 -7.07
N LYS C 35 3.99 -30.08 -8.24
CA LYS C 35 4.91 -29.78 -9.33
C LYS C 35 5.78 -28.59 -8.97
N THR C 36 7.04 -28.64 -9.39
CA THR C 36 8.05 -27.65 -9.03
C THR C 36 8.57 -26.98 -10.28
N PHE C 37 8.65 -25.66 -10.26
CA PHE C 37 9.11 -24.88 -11.40
C PHE C 37 10.57 -24.47 -11.17
N PHE C 38 11.43 -24.80 -12.11
CA PHE C 38 12.88 -24.63 -11.96
C PHE C 38 13.29 -23.29 -12.55
N ALA C 39 13.42 -22.27 -11.70
CA ALA C 39 13.82 -20.95 -12.19
C ALA C 39 15.24 -20.99 -12.76
N LEU C 40 16.16 -21.66 -12.08
CA LEU C 40 17.51 -21.86 -12.57
C LEU C 40 17.89 -23.33 -12.43
N ASP C 41 18.92 -23.73 -13.18
CA ASP C 41 19.43 -25.10 -13.18
C ASP C 41 20.91 -25.10 -13.50
N ASP C 42 21.74 -25.52 -12.54
CA ASP C 42 23.14 -25.86 -12.77
C ASP C 42 23.87 -24.76 -13.51
N ILE C 43 23.89 -23.57 -12.90
CA ILE C 43 24.55 -22.42 -13.46
C ILE C 43 25.95 -22.33 -12.86
N SER C 44 26.96 -22.20 -13.72
CA SER C 44 28.33 -22.05 -13.30
C SER C 44 28.93 -20.86 -14.03
N LEU C 45 29.37 -19.87 -13.26
CA LEU C 45 29.90 -18.63 -13.81
C LEU C 45 31.18 -18.26 -13.07
N LYS C 46 32.07 -17.57 -13.78
CA LYS C 46 33.33 -17.12 -13.22
C LYS C 46 33.60 -15.72 -13.76
N ALA C 47 33.46 -14.70 -12.91
CA ALA C 47 33.64 -13.32 -13.31
C ALA C 47 34.98 -12.82 -12.82
N TYR C 48 35.78 -12.25 -13.71
CA TYR C 48 37.11 -11.78 -13.37
C TYR C 48 37.06 -10.29 -13.07
N GLU C 49 38.23 -9.70 -12.81
CA GLU C 49 38.33 -8.29 -12.47
C GLU C 49 38.46 -7.44 -13.74
N GLY C 50 37.91 -6.24 -13.69
CA GLY C 50 37.91 -5.36 -14.84
C GLY C 50 37.10 -5.88 -16.00
N ASP C 51 35.96 -6.51 -15.72
CA ASP C 51 35.13 -7.15 -16.73
C ASP C 51 33.75 -6.52 -16.73
N VAL C 52 33.22 -6.28 -17.93
CA VAL C 52 31.86 -5.81 -18.11
C VAL C 52 31.10 -6.92 -18.83
N ILE C 53 30.12 -7.50 -18.15
CA ILE C 53 29.37 -8.64 -18.67
C ILE C 53 27.94 -8.21 -18.93
N GLY C 54 27.47 -8.45 -20.15
CA GLY C 54 26.10 -8.20 -20.51
C GLY C 54 25.32 -9.51 -20.59
N LEU C 55 24.18 -9.54 -19.90
CA LEU C 55 23.31 -10.71 -19.90
C LEU C 55 22.23 -10.53 -20.95
N VAL C 56 22.07 -11.51 -21.82
CA VAL C 56 21.11 -11.42 -22.92
C VAL C 56 20.24 -12.67 -22.92
N GLY C 57 19.00 -12.50 -23.35
CA GLY C 57 18.05 -13.60 -23.40
C GLY C 57 16.65 -13.09 -23.62
N ILE C 58 15.72 -14.04 -23.76
CA ILE C 58 14.32 -13.72 -23.98
C ILE C 58 13.62 -13.55 -22.64
N ASN C 59 12.40 -13.01 -22.67
CA ASN C 59 11.63 -12.80 -21.45
C ASN C 59 11.37 -14.13 -20.74
N GLY C 60 11.56 -14.13 -19.42
CA GLY C 60 11.41 -15.34 -18.62
C GLY C 60 12.63 -16.22 -18.59
N SER C 61 13.79 -15.75 -19.03
CA SER C 61 14.98 -16.59 -19.06
C SER C 61 15.51 -16.85 -17.66
N GLY C 62 15.62 -15.82 -16.83
CA GLY C 62 16.17 -15.98 -15.50
C GLY C 62 17.36 -15.09 -15.22
N LYS C 63 17.46 -13.96 -15.94
CA LYS C 63 18.55 -13.03 -15.70
C LYS C 63 18.35 -12.22 -14.43
N SER C 64 17.11 -11.80 -14.16
CA SER C 64 16.84 -11.05 -12.93
C SER C 64 17.04 -11.92 -11.70
N THR C 65 16.66 -13.20 -11.78
CA THR C 65 16.92 -14.12 -10.68
C THR C 65 18.42 -14.25 -10.42
N LEU C 66 19.21 -14.37 -11.49
CA LEU C 66 20.65 -14.49 -11.33
C LEU C 66 21.26 -13.23 -10.74
N SER C 67 20.82 -12.07 -11.19
CA SER C 67 21.33 -10.81 -10.64
C SER C 67 20.96 -10.68 -9.17
N ASN C 68 19.73 -11.07 -8.80
CA ASN C 68 19.33 -11.00 -7.41
C ASN C 68 20.14 -11.96 -6.54
N ILE C 69 20.40 -13.18 -7.04
CA ILE C 69 21.19 -14.13 -6.28
C ILE C 69 22.63 -13.65 -6.11
N ILE C 70 23.18 -13.05 -7.15
CA ILE C 70 24.51 -12.45 -7.04
C ILE C 70 24.51 -11.34 -6.00
N GLY C 71 23.45 -10.52 -5.99
CA GLY C 71 23.34 -9.47 -4.99
C GLY C 71 23.03 -9.96 -3.60
N GLY C 72 22.68 -11.24 -3.45
CA GLY C 72 22.41 -11.84 -2.17
C GLY C 72 20.97 -11.75 -1.71
N SER C 73 20.10 -11.06 -2.45
CA SER C 73 18.71 -10.90 -2.02
C SER C 73 17.95 -12.22 -2.04
N LEU C 74 18.37 -13.16 -2.89
CA LEU C 74 17.73 -14.47 -2.99
C LEU C 74 18.72 -15.54 -2.55
N SER C 75 18.23 -16.53 -1.83
CA SER C 75 19.09 -17.60 -1.37
C SER C 75 18.96 -18.82 -2.27
N PRO C 76 20.05 -19.34 -2.82
CA PRO C 76 19.95 -20.50 -3.71
C PRO C 76 19.52 -21.75 -2.95
N THR C 77 18.66 -22.54 -3.60
CA THR C 77 18.24 -23.81 -3.01
C THR C 77 19.40 -24.79 -2.92
N VAL C 78 20.21 -24.88 -3.98
CA VAL C 78 21.40 -25.73 -4.01
C VAL C 78 22.52 -24.94 -4.66
N GLY C 79 23.71 -24.99 -4.09
CA GLY C 79 24.87 -24.33 -4.64
C GLY C 79 25.36 -23.19 -3.76
N LYS C 80 26.31 -22.44 -4.32
CA LYS C 80 26.91 -21.34 -3.58
C LYS C 80 27.42 -20.27 -4.54
N VAL C 81 27.63 -19.08 -3.99
CA VAL C 81 28.14 -17.93 -4.73
C VAL C 81 28.89 -17.02 -3.77
N ASP C 82 30.11 -16.62 -4.16
CA ASP C 82 30.95 -15.78 -3.32
C ASP C 82 31.37 -14.54 -4.10
N ARG C 83 31.53 -13.43 -3.37
CA ARG C 83 31.96 -12.19 -3.96
C ARG C 83 33.11 -11.61 -3.13
N ASN C 84 34.16 -11.16 -3.82
CA ASN C 84 35.31 -10.61 -3.11
C ASN C 84 34.95 -9.33 -2.37
N GLY C 85 34.23 -8.42 -3.02
CA GLY C 85 33.84 -7.17 -2.43
C GLY C 85 32.36 -7.10 -2.12
N GLU C 86 31.88 -5.87 -1.93
CA GLU C 86 30.47 -5.61 -1.66
C GLU C 86 29.77 -5.22 -2.95
N VAL C 87 28.55 -5.72 -3.12
CA VAL C 87 27.81 -5.66 -4.38
C VAL C 87 26.68 -4.65 -4.23
N SER C 88 26.51 -3.82 -5.25
CA SER C 88 25.40 -2.88 -5.31
C SER C 88 24.61 -3.11 -6.59
N VAL C 89 23.29 -3.05 -6.49
CA VAL C 89 22.38 -3.37 -7.58
C VAL C 89 21.54 -2.15 -7.89
N ILE C 90 21.48 -1.77 -9.17
CA ILE C 90 20.60 -0.73 -9.66
C ILE C 90 19.48 -1.42 -10.45
N ALA C 91 18.24 -1.17 -10.05
CA ALA C 91 17.10 -1.83 -10.65
C ALA C 91 16.30 -0.86 -11.53
N ILE C 92 15.30 -1.40 -12.22
CA ILE C 92 14.47 -0.59 -13.10
C ILE C 92 13.69 0.43 -12.29
N SER C 93 13.13 0.02 -11.16
CA SER C 93 12.34 0.89 -10.29
C SER C 93 13.09 1.06 -8.96
N ALA C 94 13.68 2.24 -8.77
CA ALA C 94 14.35 2.52 -7.50
C ALA C 94 13.32 2.63 -6.38
N GLY C 95 13.71 2.20 -5.18
CA GLY C 95 12.80 2.25 -4.05
C GLY C 95 12.83 3.59 -3.35
N LEU C 96 11.84 4.43 -3.65
CA LEU C 96 11.76 5.76 -3.09
C LEU C 96 10.35 6.00 -2.56
N SER C 97 10.24 6.86 -1.56
CA SER C 97 8.96 7.22 -0.96
C SER C 97 8.48 8.53 -1.55
N GLY C 98 7.28 8.52 -2.12
CA GLY C 98 6.75 9.73 -2.70
C GLY C 98 6.43 10.83 -1.72
N GLN C 99 6.24 10.49 -0.45
CA GLN C 99 5.92 11.50 0.55
C GLN C 99 7.14 12.32 0.94
N LEU C 100 8.31 11.68 1.03
CA LEU C 100 9.53 12.38 1.44
C LEU C 100 10.07 13.23 0.29
N THR C 101 10.85 14.24 0.64
CA THR C 101 11.47 15.12 -0.34
C THR C 101 12.72 14.46 -0.92
N GLY C 102 13.41 15.18 -1.80
CA GLY C 102 14.61 14.64 -2.40
C GLY C 102 15.74 14.42 -1.39
N ILE C 103 15.98 15.42 -0.53
CA ILE C 103 17.05 15.31 0.44
C ILE C 103 16.71 14.28 1.51
N GLU C 104 15.45 14.25 1.93
CA GLU C 104 15.03 13.22 2.88
C GLU C 104 15.19 11.84 2.28
N ASN C 105 14.90 11.68 0.99
CA ASN C 105 15.09 10.39 0.34
C ASN C 105 16.56 10.02 0.26
N ILE C 106 17.44 11.00 0.00
CA ILE C 106 18.88 10.73 0.00
C ILE C 106 19.31 10.21 1.36
N GLU C 107 18.89 10.91 2.43
CA GLU C 107 19.27 10.50 3.78
C GLU C 107 18.71 9.13 4.14
N PHE C 108 17.44 8.90 3.85
CA PHE C 108 16.80 7.62 4.15
C PHE C 108 17.49 6.47 3.43
N LYS C 109 17.74 6.63 2.13
CA LYS C 109 18.34 5.55 1.34
C LYS C 109 19.79 5.30 1.74
N MET C 110 20.54 6.35 2.03
CA MET C 110 21.94 6.15 2.42
C MET C 110 22.06 5.59 3.84
N LEU C 111 21.10 5.89 4.72
CA LEU C 111 21.07 5.23 6.02
C LEU C 111 20.73 3.75 5.87
N CYS C 112 19.70 3.43 5.09
CA CYS C 112 19.33 2.04 4.88
C CYS C 112 20.45 1.26 4.19
N MET C 113 21.25 1.93 3.36
CA MET C 113 22.34 1.23 2.69
C MET C 113 23.43 0.78 3.67
N GLY C 114 23.63 1.54 4.74
CA GLY C 114 24.62 1.17 5.74
C GLY C 114 25.71 2.20 5.94
N PHE C 115 25.39 3.47 5.71
CA PHE C 115 26.34 4.56 5.87
C PHE C 115 26.07 5.29 7.17
N LYS C 116 27.15 5.57 7.92
CA LYS C 116 27.00 6.42 9.10
C LYS C 116 26.87 7.87 8.68
N ARG C 117 26.37 8.69 9.61
CA ARG C 117 25.90 10.03 9.28
C ARG C 117 26.99 10.92 8.71
N LYS C 118 28.21 10.82 9.26
CA LYS C 118 29.29 11.72 8.87
C LYS C 118 29.59 11.64 7.37
N GLU C 119 29.47 10.45 6.79
CA GLU C 119 29.64 10.32 5.35
C GLU C 119 28.49 10.96 4.58
N ILE C 120 27.26 10.81 5.09
CA ILE C 120 26.09 11.38 4.42
C ILE C 120 26.21 12.90 4.35
N LYS C 121 26.67 13.52 5.43
CA LYS C 121 26.75 14.99 5.45
C LYS C 121 27.66 15.50 4.33
N ALA C 122 28.78 14.83 4.11
CA ALA C 122 29.74 15.25 3.09
C ALA C 122 29.38 14.76 1.70
N MET C 123 28.53 13.74 1.58
CA MET C 123 28.18 13.17 0.29
C MET C 123 26.91 13.75 -0.32
N THR C 124 26.08 14.44 0.48
CA THR C 124 24.84 15.00 -0.06
C THR C 124 25.06 15.96 -1.23
N PRO C 125 25.96 16.97 -1.17
CA PRO C 125 26.08 17.98 -2.27
C PRO C 125 26.35 17.28 -3.60
N LYS C 126 27.31 16.34 -3.61
CA LYS C 126 27.68 15.71 -4.88
C LYS C 126 26.48 15.03 -5.53
N ILE C 127 25.68 14.32 -4.73
CA ILE C 127 24.47 13.68 -5.26
C ILE C 127 23.50 14.73 -5.77
N ILE C 128 23.34 15.83 -5.03
CA ILE C 128 22.43 16.89 -5.46
C ILE C 128 22.87 17.46 -6.80
N GLU C 129 24.17 17.69 -6.96
CA GLU C 129 24.69 18.22 -8.23
C GLU C 129 24.51 17.23 -9.36
N PHE C 130 24.76 15.94 -9.11
CA PHE C 130 24.63 14.92 -10.16
C PHE C 130 23.18 14.73 -10.59
N SER C 131 22.22 14.92 -9.67
CA SER C 131 20.82 14.66 -10.01
C SER C 131 20.31 15.60 -11.08
N GLU C 132 20.73 16.87 -11.04
CA GLU C 132 20.28 17.94 -11.93
C GLU C 132 18.82 18.32 -11.73
N LEU C 133 18.23 17.92 -10.59
CA LEU C 133 16.83 18.24 -10.35
C LEU C 133 16.62 19.72 -10.03
N GLY C 134 17.54 20.29 -9.25
CA GLY C 134 17.44 21.69 -8.88
C GLY C 134 16.39 21.96 -7.83
N GLU C 135 15.46 22.87 -8.12
CA GLU C 135 14.45 23.26 -7.13
C GLU C 135 13.62 22.06 -6.69
N PHE C 136 13.38 21.12 -7.60
CA PHE C 136 12.57 19.96 -7.27
C PHE C 136 13.21 19.06 -6.24
N ILE C 137 14.49 19.27 -5.90
CA ILE C 137 15.08 18.51 -4.81
C ILE C 137 14.42 18.87 -3.48
N TYR C 138 13.65 19.95 -3.46
CA TYR C 138 12.99 20.35 -2.22
C TYR C 138 11.56 19.81 -2.14
N GLN C 139 10.97 19.47 -3.29
CA GLN C 139 9.60 18.99 -3.32
C GLN C 139 9.54 17.47 -3.22
N PRO C 140 8.40 16.91 -2.82
CA PRO C 140 8.30 15.46 -2.66
C PRO C 140 8.46 14.72 -3.98
N VAL C 141 8.84 13.45 -3.87
CA VAL C 141 9.16 12.64 -5.05
C VAL C 141 7.90 12.30 -5.83
N LYS C 142 6.72 12.35 -5.21
CA LYS C 142 5.50 12.01 -5.93
C LYS C 142 5.20 13.04 -7.00
N LYS C 143 5.78 14.23 -6.91
CA LYS C 143 5.57 15.26 -7.93
C LYS C 143 6.48 15.04 -9.13
N TYR C 144 7.47 14.17 -8.99
CA TYR C 144 8.47 13.98 -10.04
C TYR C 144 7.89 13.24 -11.23
N SER C 145 8.53 13.40 -12.38
CA SER C 145 8.29 12.52 -13.50
C SER C 145 9.16 11.27 -13.39
N SER C 146 8.88 10.28 -14.22
CA SER C 146 9.59 9.01 -14.14
C SER C 146 11.08 9.18 -14.44
N GLY C 147 11.40 10.02 -15.43
CA GLY C 147 12.80 10.28 -15.73
C GLY C 147 13.55 10.88 -14.56
N MET C 148 12.93 11.84 -13.85
CA MET C 148 13.60 12.48 -12.73
C MET C 148 13.77 11.53 -11.55
N ARG C 149 12.79 10.66 -11.29
CA ARG C 149 12.96 9.66 -10.25
C ARG C 149 14.09 8.69 -10.60
N ALA C 150 14.18 8.30 -11.87
CA ALA C 150 15.29 7.45 -12.29
C ALA C 150 16.63 8.16 -12.11
N LYS C 151 16.68 9.45 -12.45
CA LYS C 151 17.91 10.22 -12.28
C LYS C 151 18.32 10.27 -10.81
N LEU C 152 17.37 10.51 -9.92
CA LEU C 152 17.68 10.58 -8.49
C LEU C 152 18.19 9.22 -7.98
N GLY C 153 17.52 8.14 -8.36
CA GLY C 153 17.96 6.83 -7.93
C GLY C 153 19.35 6.48 -8.42
N PHE C 154 19.62 6.75 -9.70
CA PHE C 154 20.94 6.49 -10.25
C PHE C 154 22.00 7.34 -9.57
N SER C 155 21.70 8.61 -9.29
CA SER C 155 22.66 9.48 -8.63
C SER C 155 23.00 8.98 -7.23
N ILE C 156 21.98 8.55 -6.47
CA ILE C 156 22.26 8.03 -5.13
C ILE C 156 23.10 6.75 -5.22
N ASN C 157 22.75 5.85 -6.15
CA ASN C 157 23.41 4.56 -6.19
C ASN C 157 24.86 4.67 -6.68
N ILE C 158 25.13 5.55 -7.64
CA ILE C 158 26.47 5.59 -8.24
C ILE C 158 27.46 6.29 -7.30
N THR C 159 26.98 7.23 -6.49
CA THR C 159 27.90 8.01 -5.66
C THR C 159 28.58 7.16 -4.61
N VAL C 160 27.83 6.28 -3.94
CA VAL C 160 28.46 5.25 -3.15
C VAL C 160 29.22 4.34 -4.10
N ASN C 161 30.44 3.97 -3.71
CA ASN C 161 31.33 3.32 -4.66
C ASN C 161 31.28 1.81 -4.47
N PRO C 162 30.64 1.06 -5.36
CA PRO C 162 30.57 -0.39 -5.18
C PRO C 162 31.79 -1.07 -5.76
N ASP C 163 32.27 -2.10 -5.06
CA ASP C 163 33.30 -2.95 -5.64
C ASP C 163 32.77 -3.69 -6.86
N ILE C 164 31.50 -4.08 -6.82
CA ILE C 164 30.81 -4.74 -7.91
C ILE C 164 29.48 -4.05 -8.12
N LEU C 165 29.16 -3.73 -9.37
CA LEU C 165 27.93 -3.02 -9.71
C LEU C 165 27.12 -3.85 -10.69
N VAL C 166 25.82 -3.95 -10.44
CA VAL C 166 24.92 -4.73 -11.30
C VAL C 166 23.76 -3.83 -11.71
N ILE C 167 23.79 -3.33 -12.95
CA ILE C 167 22.74 -2.48 -13.49
C ILE C 167 21.79 -3.36 -14.28
N ASP C 168 20.49 -3.26 -13.98
CA ASP C 168 19.48 -4.13 -14.57
C ASP C 168 18.37 -3.27 -15.17
N GLU C 169 18.44 -3.03 -16.50
CA GLU C 169 17.35 -2.38 -17.27
C GLU C 169 16.99 -1.02 -16.66
N ALA C 170 18.02 -0.20 -16.15
CA ALA C 170 17.77 1.04 -15.45
C ALA C 170 17.87 2.27 -16.34
N LEU C 171 18.45 2.15 -17.54
CA LEU C 171 18.68 3.27 -18.43
C LEU C 171 17.64 3.37 -19.53
N SER C 172 16.52 2.65 -19.41
CA SER C 172 15.51 2.68 -20.46
C SER C 172 14.78 4.02 -20.49
N VAL C 173 14.58 4.63 -19.32
CA VAL C 173 13.74 5.83 -19.25
C VAL C 173 14.57 7.10 -19.45
N GLY C 174 15.87 7.05 -19.16
CA GLY C 174 16.69 8.23 -19.29
C GLY C 174 16.87 8.63 -20.75
N ASP C 175 17.07 9.94 -20.96
CA ASP C 175 17.26 10.43 -22.32
C ASP C 175 18.71 10.24 -22.73
N GLN C 176 19.02 10.71 -23.94
CA GLN C 176 20.37 10.55 -24.48
C GLN C 176 21.39 11.37 -23.71
N THR C 177 20.98 12.56 -23.24
CA THR C 177 21.88 13.40 -22.45
C THR C 177 22.30 12.71 -21.16
N PHE C 178 21.36 12.07 -20.46
CA PHE C 178 21.72 11.32 -19.26
C PHE C 178 22.48 10.05 -19.61
N ALA C 179 22.17 9.45 -20.76
CA ALA C 179 22.86 8.23 -21.17
C ALA C 179 24.34 8.48 -21.42
N GLN C 180 24.69 9.63 -22.01
CA GLN C 180 26.09 9.95 -22.23
C GLN C 180 26.84 10.12 -20.91
N LYS C 181 26.21 10.79 -19.94
CA LYS C 181 26.84 10.97 -18.64
C LYS C 181 27.01 9.64 -17.92
N CYS C 182 26.00 8.76 -18.02
CA CYS C 182 26.14 7.42 -17.46
C CYS C 182 27.25 6.65 -18.13
N LEU C 183 27.40 6.80 -19.45
CA LEU C 183 28.50 6.14 -20.16
C LEU C 183 29.85 6.63 -19.67
N ASP C 184 29.99 7.94 -19.45
CA ASP C 184 31.24 8.47 -18.90
C ASP C 184 31.50 7.92 -17.50
N LYS C 185 30.46 7.83 -16.68
CA LYS C 185 30.63 7.24 -15.36
C LYS C 185 31.06 5.78 -15.46
N ILE C 186 30.54 5.06 -16.45
CA ILE C 186 30.96 3.67 -16.66
C ILE C 186 32.43 3.61 -17.07
N TYR C 187 32.88 4.57 -17.88
CA TYR C 187 34.31 4.63 -18.20
C TYR C 187 35.15 4.83 -16.94
N GLU C 188 34.73 5.77 -16.09
CA GLU C 188 35.47 5.99 -14.85
C GLU C 188 35.48 4.75 -13.98
N PHE C 189 34.36 4.03 -13.91
CA PHE C 189 34.30 2.81 -13.13
C PHE C 189 35.20 1.72 -13.72
N LYS C 190 35.22 1.61 -15.06
CA LYS C 190 36.09 0.66 -15.73
C LYS C 190 37.56 0.96 -15.44
N GLU C 191 37.89 2.23 -15.22
CA GLU C 191 39.26 2.57 -14.84
C GLU C 191 39.69 1.86 -13.56
N GLN C 192 38.76 1.67 -12.62
CA GLN C 192 39.07 1.09 -11.32
C GLN C 192 38.97 -0.43 -11.29
N ASN C 193 38.84 -1.08 -12.45
CA ASN C 193 38.83 -2.55 -12.57
C ASN C 193 37.64 -3.19 -11.87
N LYS C 194 36.63 -2.43 -11.48
CA LYS C 194 35.48 -3.03 -10.81
C LYS C 194 34.60 -3.77 -11.81
N THR C 195 33.97 -4.85 -11.35
CA THR C 195 33.14 -5.68 -12.21
C THR C 195 31.74 -5.10 -12.33
N ILE C 196 31.29 -4.90 -13.57
CA ILE C 196 30.00 -4.28 -13.86
C ILE C 196 29.19 -5.24 -14.71
N PHE C 197 27.95 -5.49 -14.30
CA PHE C 197 27.00 -6.26 -15.09
C PHE C 197 25.97 -5.30 -15.68
N PHE C 198 25.63 -5.50 -16.95
CA PHE C 198 24.71 -4.62 -17.67
C PHE C 198 23.60 -5.45 -18.30
N VAL C 199 22.37 -5.21 -17.88
CA VAL C 199 21.20 -5.87 -18.44
C VAL C 199 20.37 -4.84 -19.18
N SER C 200 20.21 -5.03 -20.48
CA SER C 200 19.44 -4.08 -21.28
C SER C 200 18.94 -4.78 -22.55
N HIS C 201 17.80 -4.31 -23.06
CA HIS C 201 17.24 -4.80 -24.30
C HIS C 201 17.59 -3.92 -25.50
N ASN C 202 18.40 -2.89 -25.29
CA ASN C 202 18.88 -2.03 -26.37
C ASN C 202 20.23 -2.58 -26.81
N LEU C 203 20.27 -3.20 -28.00
CA LEU C 203 21.50 -3.85 -28.45
C LEU C 203 22.59 -2.83 -28.77
N GLY C 204 22.21 -1.62 -29.18
CA GLY C 204 23.21 -0.58 -29.39
C GLY C 204 23.93 -0.22 -28.10
N GLN C 205 23.18 -0.09 -27.01
CA GLN C 205 23.82 0.21 -25.72
C GLN C 205 24.65 -0.95 -25.23
N VAL C 206 24.23 -2.19 -25.47
CA VAL C 206 25.03 -3.34 -25.10
C VAL C 206 26.34 -3.35 -25.89
N ARG C 207 26.27 -3.00 -27.18
CA ARG C 207 27.49 -2.90 -27.98
C ARG C 207 28.41 -1.80 -27.46
N GLN C 208 27.84 -0.64 -27.10
CA GLN C 208 28.65 0.50 -26.69
C GLN C 208 29.20 0.35 -25.27
N PHE C 209 28.56 -0.44 -24.41
CA PHE C 209 28.88 -0.46 -22.99
C PHE C 209 29.70 -1.66 -22.56
N CYS C 210 29.40 -2.86 -23.06
CA CYS C 210 29.93 -4.09 -22.51
C CYS C 210 31.16 -4.56 -23.27
N THR C 211 31.80 -5.61 -22.73
CA THR C 211 32.95 -6.25 -23.36
C THR C 211 32.84 -7.77 -23.40
N LYS C 212 32.02 -8.38 -22.55
CA LYS C 212 31.78 -9.82 -22.58
C LYS C 212 30.28 -10.06 -22.52
N ILE C 213 29.85 -11.22 -22.99
CA ILE C 213 28.42 -11.52 -23.10
C ILE C 213 28.14 -12.90 -22.51
N ALA C 214 27.12 -12.98 -21.66
CA ALA C 214 26.54 -14.23 -21.20
C ALA C 214 25.10 -14.33 -21.71
N TRP C 215 24.75 -15.53 -22.19
CA TRP C 215 23.48 -15.77 -22.86
C TRP C 215 22.79 -16.94 -22.17
N ILE C 216 21.59 -16.67 -21.63
CA ILE C 216 20.85 -17.62 -20.82
C ILE C 216 19.56 -17.96 -21.56
N GLU C 217 19.25 -19.26 -21.63
CA GLU C 217 18.04 -19.75 -22.28
C GLU C 217 17.35 -20.74 -21.36
N GLY C 218 16.13 -20.42 -20.94
CA GLY C 218 15.34 -21.33 -20.12
C GLY C 218 15.97 -21.65 -18.78
N GLY C 219 16.52 -20.65 -18.11
CA GLY C 219 17.19 -20.88 -16.84
C GLY C 219 18.46 -21.68 -16.97
N LYS C 220 19.17 -21.56 -18.09
CA LYS C 220 20.41 -22.28 -18.30
C LYS C 220 21.35 -21.36 -19.07
N LEU C 221 22.58 -21.21 -18.59
CA LEU C 221 23.55 -20.32 -19.23
C LEU C 221 23.96 -20.94 -20.57
N LYS C 222 23.41 -20.40 -21.66
CA LYS C 222 23.62 -21.03 -22.96
C LYS C 222 25.03 -20.80 -23.48
N ASP C 223 25.54 -19.57 -23.39
CA ASP C 223 26.86 -19.29 -23.94
C ASP C 223 27.50 -18.11 -23.23
N TYR C 224 28.67 -18.32 -22.64
CA TYR C 224 29.40 -17.29 -21.92
C TYR C 224 30.74 -17.09 -22.61
N GLY C 225 31.09 -15.83 -22.88
CA GLY C 225 32.38 -15.59 -23.50
C GLY C 225 32.52 -14.16 -24.01
N GLU C 226 33.38 -14.01 -25.01
CA GLU C 226 33.59 -12.70 -25.62
C GLU C 226 32.35 -12.28 -26.40
N LEU C 227 32.09 -10.98 -26.40
CA LEU C 227 30.87 -10.48 -27.03
C LEU C 227 30.87 -10.76 -28.53
N ASP C 228 32.05 -10.68 -29.17
CA ASP C 228 32.12 -10.81 -30.62
C ASP C 228 31.72 -12.20 -31.08
N ASP C 229 31.76 -13.18 -30.19
CA ASP C 229 31.31 -14.53 -30.53
C ASP C 229 29.85 -14.75 -30.13
N VAL C 230 29.49 -14.42 -28.90
CA VAL C 230 28.16 -14.75 -28.39
C VAL C 230 27.09 -13.90 -29.08
N LEU C 231 27.33 -12.59 -29.20
CA LEU C 231 26.29 -11.69 -29.69
C LEU C 231 25.80 -12.04 -31.08
N PRO C 232 26.66 -12.34 -32.07
CA PRO C 232 26.13 -12.79 -33.37
C PRO C 232 25.28 -14.04 -33.28
N LYS C 233 25.60 -14.98 -32.40
CA LYS C 233 24.75 -16.17 -32.25
C LYS C 233 23.38 -15.81 -31.70
N TYR C 234 23.33 -14.89 -30.72
CA TYR C 234 22.04 -14.46 -30.21
C TYR C 234 21.22 -13.76 -31.29
N GLU C 235 21.88 -12.92 -32.10
CA GLU C 235 21.16 -12.24 -33.17
C GLU C 235 20.65 -13.25 -34.21
N ALA C 236 21.46 -14.25 -34.55
CA ALA C 236 21.02 -15.28 -35.48
C ALA C 236 19.83 -16.05 -34.91
N PHE C 237 19.86 -16.37 -33.62
CA PHE C 237 18.74 -17.05 -33.00
C PHE C 237 17.48 -16.20 -33.06
N LEU C 238 17.61 -14.89 -32.82
CA LEU C 238 16.45 -14.01 -32.89
C LEU C 238 15.86 -13.98 -34.29
N ASN C 239 16.72 -13.85 -35.31
CA ASN C 239 16.21 -13.84 -36.69
C ASN C 239 15.55 -15.16 -37.06
N ASP C 240 16.17 -16.27 -36.68
CA ASP C 240 15.56 -17.57 -36.97
C ASP C 240 14.21 -17.71 -36.30
N PHE C 241 14.10 -17.27 -35.04
CA PHE C 241 12.81 -17.32 -34.36
C PHE C 241 11.79 -16.44 -35.05
N LYS C 242 12.21 -15.29 -35.56
CA LYS C 242 11.29 -14.44 -36.31
C LYS C 242 10.85 -15.11 -37.61
N LYS C 243 11.68 -15.99 -38.17
CA LYS C 243 11.33 -16.64 -39.43
C LYS C 243 10.34 -17.79 -39.24
N LYS C 244 10.22 -18.32 -38.03
CA LYS C 244 9.38 -19.49 -37.80
C LYS C 244 7.89 -19.13 -37.90
N SER C 245 7.08 -20.15 -38.14
CA SER C 245 5.64 -19.99 -38.12
C SER C 245 5.14 -19.91 -36.69
N LYS C 246 3.90 -19.43 -36.54
CA LYS C 246 3.33 -19.26 -35.20
C LYS C 246 3.23 -20.59 -34.47
N ALA C 247 2.84 -21.65 -35.18
CA ALA C 247 2.77 -22.97 -34.58
C ALA C 247 4.14 -23.46 -34.13
N GLU C 248 5.19 -23.19 -34.92
CA GLU C 248 6.52 -23.62 -34.54
C GLU C 248 7.02 -22.88 -33.30
N GLN C 249 6.76 -21.57 -33.22
CA GLN C 249 7.13 -20.82 -32.03
C GLN C 249 6.35 -21.33 -30.82
N LYS C 250 5.06 -21.63 -31.00
CA LYS C 250 4.26 -22.18 -29.91
C LYS C 250 4.82 -23.51 -29.42
N GLU C 251 5.22 -24.38 -30.35
CA GLU C 251 5.75 -25.67 -29.94
C GLU C 251 7.12 -25.53 -29.27
N PHE C 252 7.93 -24.58 -29.71
CA PHE C 252 9.20 -24.32 -29.02
C PHE C 252 8.95 -23.85 -27.60
N ARG C 253 8.01 -22.93 -27.41
CA ARG C 253 7.69 -22.47 -26.06
C ARG C 253 7.13 -23.60 -25.21
N ASN C 254 6.30 -24.45 -25.79
CA ASN C 254 5.75 -25.59 -25.05
C ASN C 254 6.86 -26.56 -24.64
N LYS C 255 7.83 -26.79 -25.53
CA LYS C 255 8.94 -27.67 -25.18
C LYS C 255 9.77 -27.09 -24.04
N LEU C 256 10.02 -25.77 -24.07
CA LEU C 256 10.74 -25.14 -22.96
C LEU C 256 9.94 -25.26 -21.66
N ASP C 257 8.62 -25.07 -21.74
CA ASP C 257 7.78 -25.17 -20.54
C ASP C 257 7.82 -26.59 -19.97
N GLU C 258 7.76 -27.60 -20.84
CA GLU C 258 7.85 -28.98 -20.38
C GLU C 258 9.22 -29.27 -19.76
N SER C 259 10.28 -28.71 -20.33
CA SER C 259 11.61 -28.92 -19.78
C SER C 259 11.74 -28.28 -18.40
N ARG C 260 11.17 -27.08 -18.21
CA ARG C 260 11.33 -26.39 -16.93
C ARG C 260 10.50 -27.04 -15.84
N PHE C 261 9.28 -27.46 -16.15
CA PHE C 261 8.38 -28.03 -15.16
C PHE C 261 8.69 -29.49 -14.90
N VAL C 262 8.44 -29.92 -13.67
CA VAL C 262 8.65 -31.32 -13.27
C VAL C 262 7.86 -31.55 -11.98
N ILE C 263 7.57 -32.80 -11.69
CA ILE C 263 6.89 -33.20 -10.45
C ILE C 263 7.91 -33.97 -9.63
N LYS C 264 8.24 -33.45 -8.45
CA LYS C 264 9.23 -34.05 -7.58
C LYS C 264 9.06 -33.53 -6.16
N MET D 25 21.39 -20.85 21.64
CA MET D 25 22.33 -19.96 22.32
C MET D 25 23.02 -19.05 21.30
N SER D 26 23.08 -19.50 20.05
CA SER D 26 23.66 -18.67 19.00
C SER D 26 22.68 -17.63 18.49
N ALA D 27 21.39 -17.99 18.42
CA ALA D 27 20.38 -17.07 17.92
C ALA D 27 20.20 -15.89 18.87
N ILE D 28 20.11 -16.17 20.17
CA ILE D 28 19.98 -15.10 21.15
C ILE D 28 21.18 -14.17 21.08
N GLY D 29 22.38 -14.76 21.00
CA GLY D 29 23.57 -13.94 20.89
C GLY D 29 23.57 -13.06 19.66
N THR D 30 23.21 -13.62 18.51
CA THR D 30 23.23 -12.86 17.26
C THR D 30 22.25 -11.70 17.30
N VAL D 31 21.02 -11.95 17.76
CA VAL D 31 20.03 -10.87 17.82
C VAL D 31 20.47 -9.79 18.80
N PHE D 32 21.05 -10.20 19.93
CA PHE D 32 21.52 -9.22 20.90
C PHE D 32 22.61 -8.33 20.30
N LYS D 33 23.57 -8.92 19.57
CA LYS D 33 24.63 -8.11 18.97
C LYS D 33 24.07 -7.16 17.92
N GLU D 34 23.12 -7.62 17.09
CA GLU D 34 22.53 -6.73 16.10
C GLU D 34 21.85 -5.53 16.76
N HIS D 35 21.04 -5.79 17.77
CA HIS D 35 20.30 -4.70 18.41
C HIS D 35 21.25 -3.76 19.14
N VAL D 36 22.31 -4.30 19.75
CA VAL D 36 23.29 -3.45 20.43
C VAL D 36 24.02 -2.56 19.43
N LYS D 37 24.38 -3.09 18.27
CA LYS D 37 25.18 -2.33 17.32
C LYS D 37 24.36 -1.27 16.58
N ASN D 38 23.09 -1.53 16.30
CA ASN D 38 22.31 -0.64 15.43
C ASN D 38 21.37 0.29 16.19
N PHE D 39 21.82 0.83 17.32
CA PHE D 39 20.96 1.66 18.15
C PHE D 39 20.54 2.94 17.42
N TYR D 40 21.53 3.66 16.86
CA TYR D 40 21.23 4.92 16.19
C TYR D 40 20.39 4.70 14.95
N LEU D 41 20.65 3.61 14.22
CA LEU D 41 19.81 3.28 13.06
C LEU D 41 18.38 3.04 13.49
N ILE D 42 18.16 2.33 14.60
CA ILE D 42 16.81 2.10 15.11
C ILE D 42 16.13 3.43 15.39
N GLN D 43 16.81 4.32 16.12
CA GLN D 43 16.20 5.60 16.47
C GLN D 43 15.84 6.40 15.23
N ARG D 44 16.77 6.51 14.27
CA ARG D 44 16.56 7.37 13.13
C ARG D 44 15.46 6.83 12.22
N LEU D 45 15.42 5.51 12.02
CA LEU D 45 14.35 4.93 11.21
C LEU D 45 13.00 5.09 11.89
N ALA D 46 12.97 5.01 13.23
CA ALA D 46 11.72 5.27 13.95
C ALA D 46 11.24 6.69 13.72
N GLN D 47 12.15 7.67 13.79
CA GLN D 47 11.77 9.05 13.52
C GLN D 47 11.28 9.24 12.10
N PHE D 48 11.93 8.61 11.12
CA PHE D 48 11.46 8.70 9.74
C PHE D 48 10.06 8.11 9.59
N GLN D 49 9.78 7.00 10.25
CA GLN D 49 8.44 6.41 10.18
C GLN D 49 7.39 7.32 10.81
N VAL D 50 7.71 7.93 11.95
CA VAL D 50 6.79 8.89 12.56
C VAL D 50 6.51 10.04 11.59
N LYS D 51 7.56 10.51 10.90
CA LYS D 51 7.38 11.56 9.90
C LYS D 51 6.50 11.10 8.73
N ILE D 52 6.69 9.86 8.27
CA ILE D 52 5.95 9.36 7.12
C ILE D 52 4.47 9.23 7.42
N ILE D 53 4.12 8.70 8.59
CA ILE D 53 2.72 8.37 8.86
C ILE D 53 1.85 9.63 8.91
N ASN D 54 2.38 10.74 9.42
CA ASN D 54 1.63 11.97 9.59
C ASN D 54 1.95 13.02 8.55
N HIS D 55 2.24 12.62 7.30
CA HIS D 55 2.73 13.58 6.31
C HIS D 55 1.61 14.50 5.84
N SER D 56 0.46 13.94 5.47
CA SER D 56 -0.57 14.71 4.79
C SER D 56 -1.47 15.48 5.75
N ASN D 57 -1.42 15.19 7.05
CA ASN D 57 -2.30 15.85 7.99
C ASN D 57 -1.92 17.32 8.14
N TYR D 58 -2.94 18.17 8.29
CA TYR D 58 -2.69 19.58 8.55
C TYR D 58 -2.07 19.79 9.92
N LEU D 59 -2.59 19.11 10.94
CA LEU D 59 -2.06 19.28 12.29
C LEU D 59 -0.71 18.58 12.45
N GLY D 60 -0.49 17.48 11.74
CA GLY D 60 0.79 16.79 11.80
C GLY D 60 0.98 15.91 13.01
N VAL D 61 2.21 15.84 13.52
CA VAL D 61 2.54 14.95 14.63
C VAL D 61 1.73 15.25 15.89
N ALA D 62 1.00 16.37 15.92
CA ALA D 62 0.10 16.62 17.05
C ALA D 62 -0.91 15.51 17.21
N TRP D 63 -1.27 14.84 16.11
CA TRP D 63 -2.21 13.74 16.17
C TRP D 63 -1.67 12.54 16.96
N GLU D 64 -0.36 12.51 17.24
CA GLU D 64 0.19 11.49 18.11
C GLU D 64 -0.24 11.67 19.55
N LEU D 65 -0.72 12.86 19.92
CA LEU D 65 -1.22 13.13 21.27
C LEU D 65 -2.73 13.29 21.33
N ILE D 66 -3.34 13.84 20.29
CA ILE D 66 -4.78 14.07 20.31
C ILE D 66 -5.53 12.75 20.27
N ASN D 67 -5.02 11.76 19.55
CA ASN D 67 -5.76 10.50 19.38
C ASN D 67 -5.99 9.76 20.69
N PRO D 68 -4.97 9.49 21.53
CA PRO D 68 -5.28 8.84 22.82
C PRO D 68 -6.06 9.71 23.77
N VAL D 69 -5.75 11.01 23.84
CA VAL D 69 -6.39 11.90 24.81
C VAL D 69 -7.90 11.90 24.63
N MET D 70 -8.37 11.90 23.38
CA MET D 70 -9.81 11.84 23.15
C MET D 70 -10.39 10.52 23.60
N GLN D 71 -9.70 9.41 23.34
CA GLN D 71 -10.25 8.10 23.69
C GLN D 71 -10.46 7.99 25.19
N ILE D 72 -9.49 8.44 25.98
CA ILE D 72 -9.64 8.43 27.43
C ILE D 72 -10.92 9.14 27.84
N MET D 73 -11.22 10.27 27.19
CA MET D 73 -12.45 10.99 27.51
C MET D 73 -13.66 10.08 27.42
N VAL D 74 -13.76 9.32 26.33
CA VAL D 74 -14.88 8.40 26.19
C VAL D 74 -14.85 7.38 27.33
N TYR D 75 -13.68 6.81 27.60
CA TYR D 75 -13.58 5.82 28.66
C TYR D 75 -13.86 6.42 30.04
N TRP D 76 -13.83 7.75 30.16
CA TRP D 76 -14.23 8.37 31.41
C TRP D 76 -15.72 8.65 31.45
N MET D 77 -16.34 8.94 30.30
CA MET D 77 -17.77 9.24 30.30
C MET D 77 -18.60 7.98 30.51
N VAL D 78 -18.13 6.84 30.02
CA VAL D 78 -18.86 5.58 30.11
C VAL D 78 -18.62 4.93 31.46
N PHE D 79 -17.36 4.59 31.74
CA PHE D 79 -17.02 3.81 32.93
C PHE D 79 -16.90 4.66 34.19
N GLY D 80 -16.72 5.97 34.06
CA GLY D 80 -16.51 6.81 35.21
C GLY D 80 -17.73 7.61 35.62
N LEU D 81 -18.43 8.17 34.64
CA LEU D 81 -19.66 8.92 34.89
C LEU D 81 -20.89 8.01 34.90
N GLY D 82 -21.03 7.16 33.88
CA GLY D 82 -22.18 6.28 33.78
C GLY D 82 -22.16 5.16 34.78
N ILE D 83 -21.26 4.22 34.60
CA ILE D 83 -20.97 3.23 35.64
C ILE D 83 -20.12 3.92 36.71
N ARG D 84 -20.19 3.41 37.94
CA ARG D 84 -19.50 3.88 39.13
C ARG D 84 -20.09 5.16 39.70
N SER D 85 -20.95 5.88 38.98
CA SER D 85 -21.51 7.16 39.41
C SER D 85 -20.46 8.09 40.01
N ASN D 86 -19.23 8.01 39.50
CA ASN D 86 -18.10 8.85 39.90
C ASN D 86 -17.79 8.72 41.40
N ALA D 87 -17.35 7.58 41.74
CA ALA D 87 -16.97 7.29 43.11
C ALA D 87 -15.45 7.10 43.19
N PRO D 88 -14.81 7.34 44.36
CA PRO D 88 -13.32 7.28 44.46
C PRO D 88 -12.80 5.87 44.70
N ILE D 89 -11.57 5.63 44.29
CA ILE D 89 -10.88 4.34 44.50
C ILE D 89 -9.65 4.65 45.31
N HIS D 90 -9.54 4.02 46.49
CA HIS D 90 -8.39 4.14 47.37
C HIS D 90 -8.14 5.57 47.81
N GLY D 91 -9.18 6.38 47.91
CA GLY D 91 -9.05 7.77 48.28
C GLY D 91 -8.61 8.69 47.16
N VAL D 92 -8.46 8.17 45.94
CA VAL D 92 -8.04 8.97 44.80
C VAL D 92 -9.25 9.15 43.89
N PRO D 93 -9.41 10.31 43.25
CA PRO D 93 -10.48 10.43 42.25
C PRO D 93 -10.29 9.44 41.12
N PHE D 94 -11.40 8.98 40.55
CA PHE D 94 -11.34 7.98 39.50
C PHE D 94 -10.65 8.53 38.25
N VAL D 95 -10.73 9.83 38.01
CA VAL D 95 -10.19 10.39 36.78
C VAL D 95 -8.67 10.21 36.73
N TYR D 96 -7.98 10.50 37.84
CA TYR D 96 -6.53 10.36 37.88
C TYR D 96 -6.08 8.91 37.96
N TRP D 97 -6.83 8.07 38.69
CA TRP D 97 -6.61 6.63 38.69
C TRP D 97 -6.62 6.08 37.26
N LEU D 98 -7.68 6.38 36.52
CA LEU D 98 -7.79 5.91 35.14
C LEU D 98 -6.73 6.52 34.25
N LEU D 99 -6.43 7.81 34.45
CA LEU D 99 -5.42 8.47 33.63
C LEU D 99 -4.06 7.81 33.77
N VAL D 100 -3.66 7.49 34.99
CA VAL D 100 -2.38 6.85 35.22
C VAL D 100 -2.39 5.41 34.71
N GLY D 101 -3.50 4.71 34.86
CA GLY D 101 -3.56 3.33 34.40
C GLY D 101 -3.65 3.16 32.90
N ILE D 102 -4.15 4.16 32.17
CA ILE D 102 -4.41 4.04 30.74
C ILE D 102 -3.24 4.48 29.86
N SER D 103 -2.18 5.02 30.45
CA SER D 103 -1.18 5.73 29.66
C SER D 103 -0.40 4.80 28.72
N MET D 104 -0.14 3.57 29.16
CA MET D 104 0.67 2.62 28.39
C MET D 104 -0.14 1.75 27.44
N TRP D 105 -1.47 1.75 27.55
CA TRP D 105 -2.27 0.81 26.78
C TRP D 105 -2.20 1.10 25.29
N PHE D 106 -2.32 2.37 24.89
CA PHE D 106 -2.29 2.69 23.47
C PHE D 106 -0.97 2.32 22.86
N PHE D 107 0.14 2.59 23.56
CA PHE D 107 1.45 2.20 23.07
C PHE D 107 1.55 0.69 22.90
N ILE D 108 1.12 -0.07 23.92
CA ILE D 108 1.22 -1.53 23.84
C ILE D 108 0.40 -2.06 22.67
N ASN D 109 -0.86 -1.64 22.59
CA ASN D 109 -1.76 -2.11 21.54
C ASN D 109 -1.21 -1.80 20.15
N GLN D 110 -0.88 -0.54 19.89
CA GLN D 110 -0.42 -0.14 18.57
C GLN D 110 0.91 -0.80 18.23
N GLY D 111 1.85 -0.84 19.18
CA GLY D 111 3.14 -1.45 18.91
C GLY D 111 3.02 -2.91 18.53
N ILE D 112 2.24 -3.68 19.29
CA ILE D 112 2.09 -5.09 18.96
C ILE D 112 1.40 -5.27 17.62
N LEU D 113 0.32 -4.51 17.39
CA LEU D 113 -0.47 -4.70 16.18
C LEU D 113 0.33 -4.37 14.92
N GLU D 114 1.17 -3.32 14.98
CA GLU D 114 1.91 -2.92 13.80
C GLU D 114 3.21 -3.72 13.66
N GLY D 115 3.85 -4.08 14.76
CA GLY D 115 5.04 -4.91 14.67
C GLY D 115 4.74 -6.30 14.17
N THR D 116 3.49 -6.75 14.32
CA THR D 116 3.11 -8.03 13.73
C THR D 116 3.20 -8.00 12.21
N LYS D 117 2.86 -6.87 11.58
CA LYS D 117 2.90 -6.75 10.13
C LYS D 117 4.17 -6.07 9.61
N ALA D 118 5.06 -5.64 10.50
CA ALA D 118 6.24 -4.87 10.08
C ALA D 118 7.06 -5.60 9.02
N ILE D 119 7.44 -6.84 9.26
CA ILE D 119 8.33 -7.53 8.32
C ILE D 119 7.63 -7.76 6.99
N THR D 120 6.36 -8.16 7.04
CA THR D 120 5.60 -8.40 5.81
C THR D 120 5.54 -7.14 4.96
N GLN D 121 5.32 -5.98 5.60
CA GLN D 121 5.19 -4.75 4.82
C GLN D 121 6.54 -4.21 4.36
N LYS D 122 7.60 -4.43 5.12
CA LYS D 122 8.86 -3.74 4.87
C LYS D 122 9.99 -4.62 4.34
N PHE D 123 9.73 -5.90 4.05
CA PHE D 123 10.82 -6.76 3.59
C PHE D 123 11.33 -6.36 2.22
N ASN D 124 10.43 -6.02 1.29
CA ASN D 124 10.83 -5.82 -0.10
C ASN D 124 11.79 -4.64 -0.25
N GLN D 125 11.52 -3.54 0.46
CA GLN D 125 12.31 -2.33 0.28
C GLN D 125 13.77 -2.55 0.69
N VAL D 126 14.00 -3.27 1.80
CA VAL D 126 15.36 -3.47 2.30
C VAL D 126 15.95 -4.83 1.98
N SER D 127 15.23 -5.67 1.23
CA SER D 127 15.76 -7.00 0.90
C SER D 127 16.97 -6.90 -0.02
N LYS D 128 16.90 -6.03 -1.03
CA LYS D 128 17.99 -5.93 -2.00
C LYS D 128 19.27 -5.46 -1.33
N MET D 129 19.19 -4.49 -0.43
CA MET D 129 20.33 -4.05 0.36
C MET D 129 20.60 -5.03 1.50
N ASN D 130 21.78 -4.91 2.09
CA ASN D 130 22.14 -5.72 3.25
C ASN D 130 21.91 -4.89 4.51
N PHE D 131 21.03 -5.37 5.38
CA PHE D 131 20.52 -4.59 6.49
C PHE D 131 19.88 -5.56 7.48
N PRO D 132 20.25 -5.49 8.76
CA PRO D 132 19.78 -6.50 9.72
C PRO D 132 18.27 -6.50 9.85
N LEU D 133 17.68 -7.69 9.72
CA LEU D 133 16.23 -7.85 9.69
C LEU D 133 15.61 -8.02 11.08
N SER D 134 16.43 -8.09 12.13
CA SER D 134 15.88 -8.24 13.48
C SER D 134 15.30 -6.92 13.98
N ILE D 135 15.79 -5.81 13.44
CA ILE D 135 15.42 -4.51 13.99
C ILE D 135 14.17 -3.94 13.32
N ILE D 136 13.60 -4.66 12.34
CA ILE D 136 12.41 -4.15 11.66
C ILE D 136 11.26 -4.00 12.64
N PRO D 137 10.91 -4.99 13.50
CA PRO D 137 9.83 -4.75 14.50
C PRO D 137 10.25 -3.72 15.55
N THR D 138 11.54 -3.65 15.91
CA THR D 138 11.93 -2.80 17.02
C THR D 138 11.85 -1.33 16.66
N TYR D 139 12.20 -0.96 15.42
CA TYR D 139 12.13 0.45 15.07
C TYR D 139 10.69 0.92 14.89
N ILE D 140 9.80 0.02 14.46
CA ILE D 140 8.39 0.36 14.42
C ILE D 140 7.81 0.52 15.83
N VAL D 141 8.25 -0.31 16.78
CA VAL D 141 7.82 -0.12 18.17
C VAL D 141 8.39 1.19 18.73
N THR D 142 9.62 1.52 18.35
CA THR D 142 10.21 2.78 18.80
C THR D 142 9.43 3.98 18.25
N SER D 143 8.86 3.83 17.07
CA SER D 143 8.03 4.92 16.52
C SER D 143 6.82 5.19 17.40
N ARG D 144 6.37 4.19 18.16
CA ARG D 144 5.21 4.37 19.02
C ARG D 144 5.60 4.73 20.45
N PHE D 145 6.85 4.46 20.83
CA PHE D 145 7.29 4.77 22.19
C PHE D 145 7.29 6.27 22.47
N TYR D 146 7.55 7.09 21.44
CA TYR D 146 7.66 8.53 21.65
C TYR D 146 6.34 9.13 22.12
N GLY D 147 5.24 8.71 21.51
CA GLY D 147 3.93 9.19 21.94
C GLY D 147 3.61 8.77 23.36
N HIS D 148 4.01 7.57 23.76
CA HIS D 148 3.83 7.16 25.14
C HIS D 148 4.60 8.06 26.09
N LEU D 149 5.84 8.40 25.74
CA LEU D 149 6.62 9.29 26.60
C LEU D 149 5.96 10.66 26.73
N GLY D 150 5.48 11.20 25.62
CA GLY D 150 4.79 12.49 25.67
C GLY D 150 3.53 12.44 26.52
N LEU D 151 2.71 11.40 26.34
CA LEU D 151 1.48 11.27 27.13
C LEU D 151 1.79 11.07 28.60
N LEU D 152 2.83 10.31 28.94
CA LEU D 152 3.19 10.11 30.34
C LEU D 152 3.65 11.40 30.99
N LEU D 153 4.45 12.20 30.28
CA LEU D 153 4.83 13.51 30.81
C LEU D 153 3.61 14.39 31.02
N LEU D 154 2.69 14.40 30.07
CA LEU D 154 1.46 15.18 30.22
C LEU D 154 0.65 14.72 31.42
N VAL D 155 0.58 13.41 31.64
CA VAL D 155 -0.16 12.86 32.77
C VAL D 155 0.45 13.31 34.08
N ILE D 156 1.78 13.22 34.18
CA ILE D 156 2.45 13.63 35.42
C ILE D 156 2.24 15.12 35.67
N ILE D 157 2.26 15.92 34.61
CA ILE D 157 2.02 17.36 34.77
C ILE D 157 0.60 17.62 35.26
N ALA D 158 -0.38 16.96 34.64
CA ALA D 158 -1.79 17.20 34.97
C ALA D 158 -2.17 16.67 36.34
N CYS D 159 -1.43 15.69 36.87
CA CYS D 159 -1.74 15.17 38.19
C CYS D 159 -1.51 16.18 39.30
N MET D 160 -0.81 17.29 39.01
CA MET D 160 -0.46 18.27 40.03
C MET D 160 -1.63 19.13 40.46
N PHE D 161 -2.66 19.26 39.62
CA PHE D 161 -3.76 20.18 39.94
C PHE D 161 -4.60 19.68 41.12
N THR D 162 -4.57 18.39 41.42
CA THR D 162 -5.30 17.87 42.57
C THR D 162 -4.60 18.20 43.88
N GLY D 163 -3.28 18.21 43.87
CA GLY D 163 -2.52 18.36 45.08
C GLY D 163 -1.50 17.25 45.23
N ILE D 164 -1.41 16.42 44.19
CA ILE D 164 -0.44 15.33 44.16
C ILE D 164 0.82 15.84 43.49
N TYR D 165 1.91 15.88 44.25
CA TYR D 165 3.17 16.41 43.76
C TYR D 165 4.23 15.31 43.70
N PRO D 166 5.22 15.42 42.81
CA PRO D 166 6.19 14.34 42.64
C PRO D 166 6.99 14.11 43.92
N SER D 167 7.34 12.85 44.14
CA SER D 167 8.09 12.45 45.34
C SER D 167 9.35 11.69 44.96
N ILE D 168 10.05 11.14 45.96
CA ILE D 168 11.24 10.35 45.68
C ILE D 168 10.88 9.06 44.97
N HIS D 169 9.75 8.45 45.35
CA HIS D 169 9.39 7.15 44.81
C HIS D 169 9.25 7.15 43.29
N ILE D 170 9.06 8.32 42.68
CA ILE D 170 8.94 8.40 41.22
C ILE D 170 10.19 7.89 40.52
N ILE D 171 11.33 7.83 41.21
CA ILE D 171 12.53 7.29 40.57
C ILE D 171 12.32 5.84 40.15
N GLN D 172 11.35 5.14 40.76
CA GLN D 172 11.03 3.79 40.34
C GLN D 172 10.67 3.71 38.88
N LEU D 173 10.17 4.80 38.29
CA LEU D 173 9.83 4.79 36.87
C LEU D 173 11.03 4.38 36.02
N LEU D 174 12.25 4.68 36.48
CA LEU D 174 13.44 4.33 35.71
C LEU D 174 13.54 2.84 35.46
N ILE D 175 12.85 2.02 36.26
CA ILE D 175 12.86 0.57 36.08
C ILE D 175 11.58 0.16 35.36
N TYR D 176 10.49 0.89 35.59
CA TYR D 176 9.18 0.45 35.13
C TYR D 176 8.88 0.90 33.70
N VAL D 177 9.24 2.12 33.34
CA VAL D 177 8.99 2.59 31.98
C VAL D 177 9.78 1.78 30.95
N PRO D 178 11.08 1.51 31.13
CA PRO D 178 11.76 0.65 30.15
C PRO D 178 11.17 -0.74 30.03
N PHE D 179 10.82 -1.38 31.15
CA PHE D 179 10.35 -2.76 31.12
C PHE D 179 9.19 -2.92 30.14
N CYS D 180 8.20 -2.04 30.24
CA CYS D 180 7.06 -2.09 29.34
C CYS D 180 7.53 -2.18 27.89
N PHE D 181 8.41 -1.25 27.50
CA PHE D 181 8.94 -1.26 26.14
C PHE D 181 9.53 -2.62 25.80
N PHE D 182 10.41 -3.12 26.67
CA PHE D 182 11.03 -4.41 26.42
C PHE D 182 9.98 -5.47 26.17
N LEU D 183 8.96 -5.52 27.04
CA LEU D 183 7.92 -6.54 26.88
C LEU D 183 7.35 -6.47 25.48
N THR D 184 6.89 -5.29 25.08
CA THR D 184 6.28 -5.16 23.76
C THR D 184 7.22 -5.65 22.69
N ALA D 185 8.48 -5.19 22.75
CA ALA D 185 9.44 -5.55 21.71
C ALA D 185 9.54 -7.06 21.59
N SER D 186 9.68 -7.74 22.73
CA SER D 186 9.83 -9.19 22.70
C SER D 186 8.68 -9.83 21.94
N VAL D 187 7.44 -9.43 22.28
CA VAL D 187 6.29 -10.07 21.65
C VAL D 187 6.36 -9.90 20.14
N THR D 188 6.68 -8.69 19.68
CA THR D 188 6.72 -8.46 18.25
C THR D 188 7.76 -9.35 17.59
N LEU D 189 8.93 -9.48 18.23
CA LEU D 189 9.99 -10.29 17.66
C LEU D 189 9.52 -11.70 17.38
N LEU D 190 8.57 -12.20 18.16
CA LEU D 190 7.97 -13.49 17.85
C LEU D 190 6.89 -13.33 16.78
N THR D 191 5.90 -12.47 17.04
CA THR D 191 4.70 -12.47 16.21
C THR D 191 5.01 -12.12 14.77
N SER D 192 5.89 -11.14 14.56
CA SER D 192 6.27 -10.77 13.20
C SER D 192 6.69 -11.99 12.41
N THR D 193 7.57 -12.82 13.00
CA THR D 193 7.99 -14.05 12.31
C THR D 193 6.79 -14.91 11.97
N LEU D 194 5.94 -15.18 12.96
CA LEU D 194 4.75 -15.99 12.71
C LEU D 194 3.87 -15.34 11.66
N GLY D 195 3.82 -14.01 11.64
CA GLY D 195 3.00 -13.32 10.67
C GLY D 195 3.42 -13.62 9.25
N VAL D 196 4.72 -13.85 9.02
CA VAL D 196 5.15 -14.25 7.69
C VAL D 196 4.72 -15.68 7.41
N LEU D 197 4.85 -16.57 8.39
CA LEU D 197 4.57 -17.98 8.15
C LEU D 197 3.09 -18.22 7.93
N VAL D 198 2.25 -17.68 8.82
CA VAL D 198 0.81 -17.80 8.74
C VAL D 198 0.21 -16.41 8.87
N ARG D 199 -0.61 -16.02 7.88
CA ARG D 199 -1.21 -14.69 7.92
C ARG D 199 -2.32 -14.61 8.96
N ASP D 200 -3.09 -15.70 9.12
CA ASP D 200 -4.26 -15.66 9.98
C ASP D 200 -3.92 -15.21 11.39
N THR D 201 -2.71 -15.55 11.86
CA THR D 201 -2.31 -15.18 13.22
C THR D 201 -2.46 -13.68 13.45
N GLN D 202 -2.11 -12.87 12.44
CA GLN D 202 -2.28 -11.43 12.58
C GLN D 202 -3.69 -11.08 13.02
N MET D 203 -4.68 -11.62 12.31
CA MET D 203 -6.08 -11.38 12.69
C MET D 203 -6.33 -11.82 14.13
N LEU D 204 -5.89 -13.03 14.47
CA LEU D 204 -6.08 -13.54 15.82
C LEU D 204 -5.56 -12.56 16.85
N MET D 205 -4.41 -11.92 16.57
CA MET D 205 -3.78 -11.04 17.54
C MET D 205 -4.80 -10.03 18.06
N GLN D 206 -5.56 -9.43 17.15
CA GLN D 206 -6.49 -8.37 17.55
C GLN D 206 -7.37 -8.86 18.69
N ALA D 207 -7.99 -10.02 18.52
CA ALA D 207 -8.91 -10.53 19.52
C ALA D 207 -8.24 -10.65 20.87
N ILE D 208 -7.04 -11.23 20.89
CA ILE D 208 -6.35 -11.44 22.17
C ILE D 208 -6.16 -10.10 22.88
N LEU D 209 -5.76 -9.07 22.12
CA LEU D 209 -5.51 -7.79 22.75
C LEU D 209 -6.76 -7.28 23.45
N ARG D 210 -7.92 -7.45 22.82
CA ARG D 210 -9.16 -6.96 23.42
C ARG D 210 -9.40 -7.61 24.77
N ILE D 211 -9.16 -8.92 24.88
CA ILE D 211 -9.33 -9.58 26.16
C ILE D 211 -8.41 -8.96 27.20
N LEU D 212 -7.15 -8.72 26.83
CA LEU D 212 -6.20 -8.18 27.80
C LEU D 212 -6.57 -6.76 28.22
N PHE D 213 -7.46 -6.09 27.50
CA PHE D 213 -7.92 -4.79 27.95
C PHE D 213 -8.91 -4.92 29.08
N TYR D 214 -9.80 -5.92 29.02
CA TYR D 214 -10.94 -5.95 29.92
C TYR D 214 -10.70 -6.79 31.15
N PHE D 215 -9.79 -7.77 31.10
CA PHE D 215 -9.40 -8.51 32.30
C PHE D 215 -8.09 -7.93 32.83
N SER D 216 -8.19 -6.68 33.23
CA SER D 216 -7.05 -5.89 33.70
C SER D 216 -7.56 -4.86 34.69
N PRO D 217 -6.71 -4.38 35.59
CA PRO D 217 -7.11 -3.32 36.53
C PRO D 217 -7.16 -1.92 35.92
N ILE D 218 -7.20 -1.78 34.59
CA ILE D 218 -7.23 -0.45 33.99
C ILE D 218 -8.53 0.26 34.30
N LEU D 219 -9.66 -0.35 33.94
CA LEU D 219 -10.97 0.29 34.08
C LEU D 219 -11.67 -0.07 35.38
N TRP D 220 -11.39 -1.24 35.94
CA TRP D 220 -12.09 -1.71 37.13
C TRP D 220 -11.11 -2.36 38.08
N LEU D 221 -11.53 -2.48 39.34
CA LEU D 221 -10.75 -3.17 40.36
C LEU D 221 -11.54 -4.38 40.85
N PRO D 222 -11.02 -5.60 40.75
CA PRO D 222 -11.79 -6.78 41.14
C PRO D 222 -12.19 -6.75 42.61
N LYS D 223 -13.41 -7.20 42.88
CA LYS D 223 -14.02 -7.08 44.20
C LYS D 223 -13.49 -8.09 45.21
N ASN D 224 -12.88 -9.18 44.75
CA ASN D 224 -12.35 -10.22 45.63
C ASN D 224 -13.46 -10.88 46.44
N HIS D 225 -13.10 -11.84 47.28
CA HIS D 225 -14.00 -12.59 48.15
C HIS D 225 -15.25 -13.05 47.39
N GLY D 226 -15.02 -13.94 46.43
CA GLY D 226 -16.10 -14.53 45.67
C GLY D 226 -15.58 -15.03 44.33
N ILE D 227 -16.51 -15.08 43.37
CA ILE D 227 -16.11 -15.38 41.99
C ILE D 227 -15.19 -14.29 41.46
N SER D 228 -15.44 -13.04 41.87
CA SER D 228 -14.51 -11.96 41.55
C SER D 228 -13.14 -12.22 42.18
N GLY D 229 -13.08 -12.98 43.27
CA GLY D 229 -11.78 -13.39 43.78
C GLY D 229 -11.03 -14.29 42.82
N LEU D 230 -11.73 -15.25 42.22
CA LEU D 230 -11.12 -16.08 41.20
C LEU D 230 -10.71 -15.25 39.98
N ILE D 231 -11.53 -14.26 39.62
CA ILE D 231 -11.17 -13.38 38.52
C ILE D 231 -9.91 -12.59 38.87
N HIS D 232 -9.78 -12.17 40.12
CA HIS D 232 -8.56 -11.47 40.56
C HIS D 232 -7.34 -12.36 40.46
N GLU D 233 -7.47 -13.59 40.96
CA GLU D 233 -6.34 -14.52 40.92
C GLU D 233 -5.96 -14.87 39.49
N MET D 234 -6.91 -14.86 38.57
CA MET D 234 -6.61 -15.09 37.16
C MET D 234 -5.99 -13.87 36.51
N MET D 235 -6.44 -12.67 36.90
CA MET D 235 -5.86 -11.44 36.33
C MET D 235 -4.45 -11.21 36.82
N LYS D 236 -4.06 -11.77 37.97
CA LYS D 236 -2.69 -11.58 38.42
C LYS D 236 -1.65 -12.14 37.46
N TYR D 237 -2.05 -13.04 36.56
CA TYR D 237 -1.14 -13.59 35.55
C TYR D 237 -1.00 -12.70 34.33
N ASN D 238 -1.75 -11.61 34.25
CA ASN D 238 -1.63 -10.68 33.14
C ASN D 238 -0.46 -9.74 33.41
N PRO D 239 0.49 -9.59 32.48
CA PRO D 239 1.54 -8.57 32.67
C PRO D 239 1.02 -7.14 32.71
N VAL D 240 -0.09 -6.85 32.03
CA VAL D 240 -0.68 -5.51 32.08
C VAL D 240 -1.09 -5.15 33.51
N TYR D 241 -1.52 -6.15 34.29
CA TYR D 241 -1.82 -5.92 35.70
C TYR D 241 -0.60 -5.35 36.42
N PHE D 242 0.55 -6.00 36.26
CA PHE D 242 1.76 -5.56 36.93
C PHE D 242 2.18 -4.18 36.45
N ILE D 243 2.13 -3.93 35.15
CA ILE D 243 2.58 -2.63 34.63
C ILE D 243 1.70 -1.51 35.16
N ALA D 244 0.38 -1.68 35.08
CA ALA D 244 -0.53 -0.64 35.55
C ALA D 244 -0.37 -0.38 37.04
N GLU D 245 -0.33 -1.45 37.84
CA GLU D 245 -0.23 -1.28 39.29
C GLU D 245 1.09 -0.66 39.68
N SER D 246 2.20 -1.02 39.01
CA SER D 246 3.49 -0.44 39.34
C SER D 246 3.54 1.05 38.98
N TYR D 247 2.97 1.44 37.85
CA TYR D 247 2.89 2.85 37.52
C TYR D 247 2.10 3.61 38.58
N ARG D 248 0.97 3.07 39.00
CA ARG D 248 0.16 3.74 40.03
C ARG D 248 0.91 3.85 41.34
N ALA D 249 1.65 2.80 41.72
CA ALA D 249 2.43 2.86 42.96
C ALA D 249 3.54 3.90 42.88
N ALA D 250 4.14 4.06 41.70
CA ALA D 250 5.21 5.05 41.55
C ALA D 250 4.67 6.48 41.56
N ILE D 251 3.56 6.73 40.87
CA ILE D 251 3.08 8.11 40.71
C ILE D 251 2.06 8.47 41.79
N LEU D 252 1.12 7.58 42.11
CA LEU D 252 -0.03 7.93 42.94
C LEU D 252 0.08 7.49 44.38
N TYR D 253 0.36 6.21 44.64
CA TYR D 253 0.22 5.66 45.98
C TYR D 253 1.40 5.97 46.90
N HIS D 254 2.50 6.48 46.37
CA HIS D 254 3.69 6.79 47.16
C HIS D 254 4.16 5.58 47.97
N GLU D 255 4.58 4.55 47.25
CA GLU D 255 4.94 3.28 47.87
C GLU D 255 5.98 2.56 47.03
N TRP D 256 6.96 1.96 47.70
CA TRP D 256 7.96 1.14 47.03
C TRP D 256 7.30 -0.17 46.59
N TYR D 257 7.00 -0.29 45.30
CA TYR D 257 6.17 -1.40 44.84
C TYR D 257 6.91 -2.74 44.94
N PHE D 258 8.21 -2.77 44.68
CA PHE D 258 8.94 -4.03 44.64
C PHE D 258 9.12 -4.67 46.00
N MET D 259 8.79 -3.97 47.09
CA MET D 259 8.96 -4.55 48.42
C MET D 259 7.93 -5.63 48.72
N ASP D 260 6.69 -5.42 48.29
CA ASP D 260 5.61 -6.36 48.59
C ASP D 260 5.32 -7.33 47.45
N HIS D 261 5.59 -6.95 46.20
CA HIS D 261 5.19 -7.71 45.03
C HIS D 261 6.40 -8.02 44.14
N TRP D 262 7.46 -8.54 44.74
CA TRP D 262 8.63 -8.95 43.97
C TRP D 262 8.41 -10.27 43.24
N LYS D 263 7.50 -11.11 43.70
CA LYS D 263 7.18 -12.34 42.98
C LYS D 263 6.61 -12.05 41.60
N LEU D 264 5.74 -11.03 41.51
CA LEU D 264 5.23 -10.61 40.22
C LEU D 264 6.34 -10.09 39.34
N MET D 265 7.29 -9.36 39.92
CA MET D 265 8.43 -8.86 39.15
C MET D 265 9.23 -10.01 38.55
N LEU D 266 9.51 -11.03 39.36
CA LEU D 266 10.27 -12.18 38.86
C LEU D 266 9.49 -12.93 37.78
N TYR D 267 8.20 -13.13 37.98
CA TYR D 267 7.38 -13.82 36.99
C TYR D 267 7.38 -13.06 35.67
N ASN D 268 7.27 -11.73 35.72
CA ASN D 268 7.24 -10.94 34.49
C ASN D 268 8.60 -10.94 33.79
N PHE D 269 9.69 -10.89 34.57
CA PHE D 269 11.02 -11.00 33.96
C PHE D 269 11.18 -12.34 33.26
N GLY D 270 10.72 -13.42 33.90
CA GLY D 270 10.78 -14.72 33.25
C GLY D 270 9.96 -14.78 31.97
N ILE D 271 8.78 -14.15 31.99
CA ILE D 271 7.93 -14.14 30.81
C ILE D 271 8.63 -13.43 29.64
N VAL D 272 9.21 -12.26 29.91
CA VAL D 272 9.86 -11.54 28.81
C VAL D 272 11.10 -12.28 28.32
N ALA D 273 11.83 -12.94 29.24
CA ALA D 273 12.99 -13.70 28.83
C ALA D 273 12.60 -14.86 27.91
N ILE D 274 11.55 -15.59 28.27
CA ILE D 274 11.10 -16.70 27.45
C ILE D 274 10.63 -16.21 26.09
N PHE D 275 9.87 -15.11 26.07
CA PHE D 275 9.39 -14.57 24.80
C PHE D 275 10.54 -14.19 23.89
N PHE D 276 11.54 -13.48 24.43
CA PHE D 276 12.69 -13.08 23.62
C PHE D 276 13.45 -14.29 23.10
N ALA D 277 13.67 -15.30 23.95
CA ALA D 277 14.43 -16.45 23.52
C ALA D 277 13.74 -17.19 22.37
N ILE D 278 12.44 -17.47 22.54
CA ILE D 278 11.72 -18.20 21.50
C ILE D 278 11.66 -17.40 20.21
N GLY D 279 11.37 -16.10 20.32
CA GLY D 279 11.30 -15.28 19.12
C GLY D 279 12.61 -15.20 18.38
N ALA D 280 13.72 -15.05 19.12
CA ALA D 280 15.03 -14.99 18.48
C ALA D 280 15.36 -16.28 17.77
N TYR D 281 15.10 -17.42 18.41
CA TYR D 281 15.37 -18.70 17.78
C TYR D 281 14.55 -18.86 16.49
N LEU D 282 13.25 -18.56 16.57
CA LEU D 282 12.40 -18.72 15.39
C LEU D 282 12.80 -17.78 14.27
N HIS D 283 13.15 -16.53 14.60
CA HIS D 283 13.54 -15.57 13.58
C HIS D 283 14.82 -16.02 12.89
N MET D 284 15.81 -16.47 13.66
CA MET D 284 17.06 -16.91 13.04
C MET D 284 16.86 -18.18 12.22
N LYS D 285 15.89 -19.02 12.60
CA LYS D 285 15.69 -20.29 11.90
C LYS D 285 15.13 -20.09 10.49
N TYR D 286 14.19 -19.16 10.32
CA TYR D 286 13.48 -18.98 9.06
C TYR D 286 13.92 -17.74 8.30
N ARG D 287 15.00 -17.08 8.74
CA ARG D 287 15.36 -15.78 8.18
C ARG D 287 15.69 -15.88 6.69
N ASP D 288 16.38 -16.95 6.29
CA ASP D 288 16.83 -17.08 4.90
C ASP D 288 15.69 -17.40 3.94
N GLN D 289 14.63 -18.07 4.40
CA GLN D 289 13.53 -18.47 3.56
C GLN D 289 12.33 -17.53 3.68
N PHE D 290 12.57 -16.27 4.04
CA PHE D 290 11.45 -15.34 4.20
C PHE D 290 10.82 -15.00 2.87
N ALA D 291 11.62 -14.89 1.80
CA ALA D 291 11.08 -14.55 0.49
C ALA D 291 10.16 -15.65 -0.04
N ASP D 292 10.52 -16.91 0.20
CA ASP D 292 9.68 -18.02 -0.26
C ASP D 292 8.30 -17.98 0.39
N PHE D 293 8.26 -17.72 1.70
CA PHE D 293 6.98 -17.65 2.40
C PHE D 293 6.21 -16.38 2.05
N LEU D 294 6.92 -15.28 1.89
CA LEU D 294 6.29 -14.00 1.60
C LEU D 294 5.96 -13.86 0.12
C4 A1AV9 E . -23.49 7.18 30.54
C5 A1AV9 E . -24.61 7.30 31.36
C6 A1AV9 E . -24.86 8.49 32.02
C7 A1AV9 E . -23.20 5.90 29.83
C8 A1AV9 E . -22.62 5.77 28.56
C10 A1AV9 E . -22.96 3.69 29.26
C20 A1AV9 E . -24.08 2.66 31.68
C21 A1AV9 E . -23.99 4.03 31.51
C24 A1AV9 E . -24.76 0.67 33.10
C26 A1AV9 E . -22.55 1.30 28.28
C1 A1AV9 E . -24.00 9.57 31.85
C11 A1AV9 E . -23.45 4.54 30.35
C18 A1AV9 E . -23.04 2.21 29.38
C19 A1AV9 E . -23.62 1.68 30.64
C2 A1AV9 E . -22.88 9.45 31.02
C23 A1AV9 E . -24.26 -0.21 31.99
C25 A1AV9 E . -24.66 2.13 32.94
C27 A1AV9 E . -25.14 3.05 34.01
C29 A1AV9 E . -25.34 0.10 34.37
C3 A1AV9 E . -22.63 8.25 30.38
C30 A1AV9 E . -26.65 -0.60 34.16
C32 A1AV9 E . -26.37 -2.95 34.96
C33 A1AV9 E . -27.34 -3.78 35.79
C34 A1AV9 E . -28.48 -2.85 36.16
C35 A1AV9 E . -27.86 -1.47 36.10
C41 A1AV9 E . -28.94 -0.44 35.86
N31 A1AV9 E . -26.93 -1.61 34.99
O22 A1AV9 E . -23.74 0.33 30.85
O28 A1AV9 E . -24.33 -1.45 32.11
O42 A1AV9 E . -28.67 0.77 36.06
O43 A1AV9 E . -30.06 -0.83 35.49
O44 A1AV9 E . -27.41 -0.24 33.27
O9 A1AV9 E . -22.50 4.41 28.27
CL1 A1AV9 E . -24.30 11.12 32.69
MG MG F . 6.56 9.99 -18.75
PG AGS G . 9.52 12.03 -18.85
S1G AGS G . 10.31 11.52 -20.55
O2G AGS G . 8.16 11.30 -18.67
O3G AGS G . 10.48 11.62 -17.71
PB AGS G . 7.82 14.16 -18.89
O1B AGS G . 6.91 13.13 -19.40
O2B AGS G . 7.93 15.38 -19.80
O3B AGS G . 9.29 13.57 -18.81
PA AGS G . 5.84 14.82 -17.09
O1A AGS G . 4.99 14.87 -18.28
O2A AGS G . 5.52 13.63 -16.18
O3A AGS G . 7.36 14.70 -17.48
O5' AGS G . 5.70 16.18 -16.30
C5' AGS G . 6.24 17.40 -16.80
C4' AGS G . 6.74 18.22 -15.63
O4' AGS G . 5.67 18.41 -14.68
C3' AGS G . 7.90 17.59 -14.85
O3' AGS G . 8.93 18.55 -14.61
C2' AGS G . 7.25 17.13 -13.54
O2' AGS G . 8.16 17.19 -12.45
C1' AGS G . 6.16 18.18 -13.38
N9 AGS G . 5.04 17.75 -12.54
C8 AGS G . 4.28 16.62 -12.67
N7 AGS G . 3.34 16.50 -11.76
C5 AGS G . 3.51 17.63 -10.97
C6 AGS G . 2.82 18.09 -9.83
N6 AGS G . 1.80 17.45 -9.26
N1 AGS G . 3.23 19.26 -9.28
C2 AGS G . 4.26 19.90 -9.84
N3 AGS G . 4.98 19.56 -10.91
C4 AGS G . 4.55 18.41 -11.43
MG MG H . 13.94 -8.61 -15.03
PG AGS I . 12.72 -10.54 -17.82
S1G AGS I . 13.84 -9.91 -19.28
O2G AGS I . 13.17 -9.88 -16.48
O3G AGS I . 11.25 -10.17 -18.13
PB AGS I . 13.62 -12.73 -16.47
O1B AGS I . 14.46 -11.70 -15.82
O2B AGS I . 14.42 -13.89 -17.04
O3B AGS I . 12.85 -12.10 -17.69
PA AGS I . 12.97 -13.56 -13.91
O1A AGS I . 14.41 -13.57 -13.71
O2A AGS I . 12.26 -12.43 -13.15
O3A AGS I . 12.59 -13.37 -15.44
O5' AGS I . 12.38 -14.96 -13.50
C5' AGS I . 12.61 -16.14 -14.29
C4' AGS I . 11.37 -17.00 -14.25
O4' AGS I . 11.03 -17.30 -12.87
C3' AGS I . 10.12 -16.39 -14.88
O3' AGS I . 9.47 -17.32 -15.72
C2' AGS I . 9.24 -16.03 -13.67
O2' AGS I . 7.86 -16.11 -13.97
C1' AGS I . 9.65 -17.12 -12.68
N9 AGS I . 9.40 -16.78 -11.29
C8 AGS I . 9.84 -15.68 -10.60
N7 AGS I . 9.46 -15.64 -9.35
C5 AGS I . 8.72 -16.81 -9.20
C6 AGS I . 8.04 -17.36 -8.10
N6 AGS I . 8.00 -16.79 -6.89
N1 AGS I . 7.40 -18.54 -8.28
C2 AGS I . 7.45 -19.11 -9.49
N3 AGS I . 8.06 -18.69 -10.59
C4 AGS I . 8.68 -17.52 -10.38
C4 A1AV9 J . -15.92 -9.80 34.43
C5 A1AV9 J . -16.14 -10.01 35.78
C6 A1AV9 J . -16.57 -11.25 36.24
C7 A1AV9 J . -15.48 -8.49 33.92
C8 A1AV9 J . -14.64 -8.25 32.83
C10 A1AV9 J . -15.17 -6.22 33.58
C20 A1AV9 J . -16.84 -5.38 35.74
C21 A1AV9 J . -16.68 -6.74 35.50
C24 A1AV9 J . -17.84 -3.50 37.11
C26 A1AV9 J . -14.58 -3.78 32.90
C1 A1AV9 J . -16.78 -12.29 35.33
C11 A1AV9 J . -15.88 -7.15 34.46
C18 A1AV9 J . -15.30 -4.76 33.78
C19 A1AV9 J . -16.16 -4.33 34.91
C2 A1AV9 J . -16.56 -12.08 33.97
C23 A1AV9 J . -17.13 -2.55 36.21
C25 A1AV9 J . -17.70 -4.95 36.86
C27 A1AV9 J . -18.40 -5.96 37.73
C29 A1AV9 J . -18.73 -3.04 38.24
C3 A1AV9 J . -16.14 -10.83 33.53
C30 A1AV9 J . -17.96 -2.37 39.35
C32 A1AV9 J . -18.87 -0.07 39.60
C33 A1AV9 J . -19.20 0.67 40.89
C34 A1AV9 J . -18.97 -0.31 42.02
C35 A1AV9 J . -19.14 -1.67 41.36
C41 A1AV9 J . -18.40 -2.71 42.14
N31 A1AV9 J . -18.60 -1.43 40.04
O22 A1AV9 J . -16.34 -3.01 35.19
O28 A1AV9 J . -17.25 -1.32 36.40
O42 A1AV9 J . -18.66 -3.91 41.92
O43 A1AV9 J . -17.57 -2.33 42.99
O44 A1AV9 J . -16.81 -2.71 39.59
O9 A1AV9 J . -14.48 -6.87 32.67
CL1 A1AV9 J . -17.31 -13.89 35.90
#